data_6LRK
#
_entry.id   6LRK
#
_cell.length_a   216.188
_cell.length_b   45.916
_cell.length_c   84.960
_cell.angle_alpha   90.000
_cell.angle_beta   113.290
_cell.angle_gamma   90.000
#
_symmetry.space_group_name_H-M   'C 1 2 1'
#
loop_
_entity.id
_entity.type
_entity.pdbx_description
1 polymer 'Cyclic GMP-AMP synthase'
2 non-polymer '(3R)-1-pyrrolo[1,2-a]quinoxalin-4-ylpiperidine-3-carboxylic acid'
3 non-polymer 'ZINC ION'
4 water water
#
_entity_poly.entity_id   1
_entity_poly.type   'polypeptide(L)'
_entity_poly.pdbx_seq_one_letter_code
;DAAPGASKLRAVLEKLKLSRDDISTAAGMVKGVVDHLLLRLKCDSAFRGVGLLNTGSYYEHVKISAPNEFDVMFKLEVPR
IQLEEYSNTRAYYFVKFKRNPKENPLSQFLEGEILSASKMLSKFRKIIKEEINDIKDTDVIMKRKRGGSPAVTLLISEKI
SVDITLALESKSSWPASTQEGLRIQNWLSAKVRKQLRLKPFYLVPKHAKEGNGFQEETWRLSFSHIEKEILNNHGKSKTC
CENKEEKCCRKDCLKLMKYLLEQLKERFKDKKHLDKFSSYHVKTAFFHVCTQNPQDSQWDRKDLGLCFDNCVTYFLQCLR
TEKLENYFIPEFNLFSSNLIDKRSKEFLTKQIEYERNNEFPVFDEF
;
_entity_poly.pdbx_strand_id   A,B
#
loop_
_chem_comp.id
_chem_comp.type
_chem_comp.name
_chem_comp.formula
ER6 non-polymer '(3R)-1-pyrrolo[1,2-a]quinoxalin-4-ylpiperidine-3-carboxylic acid' 'C17 H17 N3 O2'
ZN non-polymer 'ZINC ION' 'Zn 2'
#
# COMPACT_ATOMS: atom_id res chain seq x y z
N ALA A 3 -11.06 -26.01 -28.63
CA ALA A 3 -10.13 -26.81 -29.41
C ALA A 3 -8.94 -27.25 -28.57
N PRO A 4 -8.35 -28.40 -28.91
CA PRO A 4 -7.14 -28.86 -28.22
C PRO A 4 -5.96 -27.95 -28.50
N GLY A 5 -4.99 -28.00 -27.58
CA GLY A 5 -3.79 -27.19 -27.69
C GLY A 5 -3.27 -26.68 -26.35
N ALA A 6 -4.18 -26.32 -25.45
CA ALA A 6 -3.77 -25.79 -24.16
C ALA A 6 -2.91 -26.77 -23.38
N SER A 7 -3.07 -28.07 -23.61
CA SER A 7 -2.27 -29.06 -22.89
C SER A 7 -0.79 -28.88 -23.21
N LYS A 8 -0.47 -28.50 -24.44
CA LYS A 8 0.91 -28.21 -24.81
C LYS A 8 1.43 -26.97 -24.08
N LEU A 9 0.57 -25.96 -23.90
CA LEU A 9 0.96 -24.81 -23.10
C LEU A 9 1.20 -25.20 -21.65
N ARG A 10 0.36 -26.09 -21.11
CA ARG A 10 0.55 -26.56 -19.74
C ARG A 10 1.85 -27.34 -19.61
N ALA A 11 2.19 -28.14 -20.62
CA ALA A 11 3.45 -28.87 -20.59
C ALA A 11 4.63 -27.93 -20.49
N VAL A 12 4.56 -26.78 -21.15
CA VAL A 12 5.63 -25.79 -21.07
C VAL A 12 5.68 -25.18 -19.68
N LEU A 13 4.52 -24.87 -19.10
CA LEU A 13 4.52 -24.27 -17.76
C LEU A 13 5.08 -25.24 -16.73
N GLU A 14 4.78 -26.54 -16.86
CA GLU A 14 5.37 -27.54 -15.97
C GLU A 14 6.89 -27.56 -16.09
N LYS A 15 7.39 -27.51 -17.34
CA LYS A 15 8.83 -27.53 -17.56
C LYS A 15 9.51 -26.31 -16.93
N LEU A 16 8.88 -25.14 -17.02
CA LEU A 16 9.45 -23.94 -16.41
C LEU A 16 9.53 -24.07 -14.90
N LYS A 17 8.55 -24.73 -14.28
CA LYS A 17 8.55 -24.89 -12.83
C LYS A 17 9.72 -25.72 -12.32
N LEU A 18 10.26 -26.63 -13.14
CA LEU A 18 11.35 -27.48 -12.69
C LEU A 18 12.58 -26.67 -12.29
N SER A 19 12.78 -25.50 -12.88
CA SER A 19 13.96 -24.68 -12.60
C SER A 19 13.81 -23.81 -11.36
N ARG A 20 12.67 -23.88 -10.67
CA ARG A 20 12.41 -22.98 -9.54
C ARG A 20 13.47 -23.14 -8.44
N ASP A 21 13.81 -24.39 -8.09
CA ASP A 21 14.75 -24.58 -6.98
C ASP A 21 16.16 -24.13 -7.37
N ASP A 22 16.56 -24.35 -8.63
CA ASP A 22 17.87 -23.87 -9.06
C ASP A 22 17.90 -22.35 -9.19
N ILE A 23 16.78 -21.73 -9.56
CA ILE A 23 16.73 -20.27 -9.54
C ILE A 23 16.74 -19.76 -8.11
N SER A 24 16.17 -20.54 -7.17
CA SER A 24 16.11 -20.09 -5.78
C SER A 24 17.48 -20.16 -5.12
N THR A 25 18.24 -21.24 -5.38
CA THR A 25 19.54 -21.37 -4.73
C THR A 25 20.56 -20.39 -5.31
N ALA A 26 20.46 -20.08 -6.61
CA ALA A 26 21.34 -19.08 -7.18
C ALA A 26 20.96 -17.67 -6.75
N ALA A 27 19.67 -17.42 -6.52
CA ALA A 27 19.25 -16.13 -5.99
C ALA A 27 19.77 -15.91 -4.58
N GLY A 28 19.83 -16.98 -3.77
CA GLY A 28 20.34 -16.85 -2.43
C GLY A 28 21.81 -16.48 -2.39
N MET A 29 22.59 -16.96 -3.36
CA MET A 29 23.98 -16.55 -3.46
C MET A 29 24.11 -15.12 -3.97
N VAL A 30 23.29 -14.75 -4.96
CA VAL A 30 23.27 -13.36 -5.42
C VAL A 30 22.93 -12.42 -4.27
N LYS A 31 21.89 -12.76 -3.50
CA LYS A 31 21.51 -11.93 -2.37
C LYS A 31 22.67 -11.76 -1.39
N GLY A 32 23.51 -12.78 -1.23
CA GLY A 32 24.62 -12.67 -0.29
C GLY A 32 25.66 -11.67 -0.76
N VAL A 33 26.06 -11.76 -2.03
CA VAL A 33 27.01 -10.80 -2.59
C VAL A 33 26.41 -9.40 -2.60
N VAL A 34 25.14 -9.27 -3.00
CA VAL A 34 24.51 -7.96 -3.14
C VAL A 34 24.33 -7.29 -1.78
N ASP A 35 23.93 -8.07 -0.76
CA ASP A 35 23.79 -7.50 0.57
C ASP A 35 25.13 -6.98 1.08
N HIS A 36 26.21 -7.73 0.86
CA HIS A 36 27.53 -7.27 1.29
C HIS A 36 28.01 -6.08 0.47
N LEU A 37 27.65 -6.03 -0.81
CA LEU A 37 28.03 -4.89 -1.65
C LEU A 37 27.36 -3.62 -1.16
N LEU A 38 26.05 -3.68 -0.89
CA LEU A 38 25.32 -2.49 -0.46
C LEU A 38 25.81 -2.01 0.90
N LEU A 39 26.12 -2.93 1.81
CA LEU A 39 26.59 -2.52 3.13
C LEU A 39 27.93 -1.79 3.03
N ARG A 40 28.74 -2.12 2.03
CA ARG A 40 29.97 -1.37 1.81
C ARG A 40 29.71 -0.09 1.02
N LEU A 41 28.71 -0.10 0.13
CA LEU A 41 28.40 1.10 -0.64
C LEU A 41 27.81 2.19 0.24
N LYS A 42 27.01 1.83 1.25
CA LYS A 42 26.40 2.83 2.12
C LYS A 42 27.44 3.61 2.91
N CYS A 43 28.68 3.12 2.99
CA CYS A 43 29.72 3.85 3.72
C CYS A 43 30.23 5.04 2.93
N ASP A 44 30.07 5.04 1.60
CA ASP A 44 30.45 6.19 0.80
C ASP A 44 29.42 7.31 0.99
N SER A 45 29.90 8.55 1.07
CA SER A 45 29.00 9.66 1.37
C SER A 45 28.02 9.91 0.23
N ALA A 46 28.46 9.71 -1.02
CA ALA A 46 27.57 9.90 -2.15
C ALA A 46 26.50 8.81 -2.26
N PHE A 47 26.73 7.65 -1.64
CA PHE A 47 25.82 6.53 -1.76
C PHE A 47 25.24 6.11 -0.41
N ARG A 48 25.16 7.04 0.54
CA ARG A 48 24.63 6.70 1.86
C ARG A 48 23.18 6.24 1.78
N GLY A 49 22.42 6.77 0.83
CA GLY A 49 21.02 6.40 0.69
C GLY A 49 20.79 5.28 -0.29
N VAL A 50 21.83 4.47 -0.55
CA VAL A 50 21.69 3.37 -1.49
C VAL A 50 20.85 2.27 -0.87
N GLY A 51 20.21 1.48 -1.73
CA GLY A 51 19.35 0.40 -1.27
C GLY A 51 19.01 -0.49 -2.44
N LEU A 52 18.32 -1.59 -2.12
CA LEU A 52 17.94 -2.59 -3.10
C LEU A 52 16.49 -2.39 -3.50
N LEU A 53 16.25 -2.26 -4.81
CA LEU A 53 14.90 -2.26 -5.36
C LEU A 53 14.52 -3.69 -5.70
N ASN A 54 13.42 -4.18 -5.13
CA ASN A 54 13.00 -5.57 -5.31
C ASN A 54 12.16 -5.69 -6.59
N THR A 55 12.84 -5.54 -7.72
CA THR A 55 12.23 -5.59 -9.03
C THR A 55 12.87 -6.70 -9.88
N GLY A 56 12.31 -6.92 -11.05
CA GLY A 56 12.80 -7.95 -11.96
C GLY A 56 11.88 -9.16 -11.99
N SER A 57 12.09 -9.98 -13.02
CA SER A 57 11.25 -11.14 -13.23
C SER A 57 11.32 -12.15 -12.09
N TYR A 58 12.39 -12.11 -11.29
CA TYR A 58 12.50 -13.03 -10.15
C TYR A 58 11.47 -12.69 -9.07
N TYR A 59 11.34 -11.41 -8.72
CA TYR A 59 10.36 -11.01 -7.71
C TYR A 59 8.95 -10.94 -8.25
N GLU A 60 8.78 -10.89 -9.58
CA GLU A 60 7.47 -10.98 -10.20
C GLU A 60 7.02 -12.43 -10.42
N HIS A 61 7.87 -13.40 -10.09
CA HIS A 61 7.59 -14.83 -10.26
C HIS A 61 7.29 -15.17 -11.72
N VAL A 62 8.02 -14.54 -12.65
CA VAL A 62 7.86 -14.82 -14.07
C VAL A 62 9.22 -14.99 -14.73
N LYS A 63 10.25 -15.30 -13.92
CA LYS A 63 11.57 -15.59 -14.45
C LYS A 63 11.54 -16.99 -15.06
N ILE A 64 11.64 -17.08 -16.37
CA ILE A 64 11.33 -18.30 -17.11
C ILE A 64 12.49 -18.74 -18.01
N SER A 65 13.69 -18.23 -17.77
CA SER A 65 14.87 -18.71 -18.47
C SER A 65 16.10 -18.21 -17.71
N ALA A 66 17.27 -18.70 -18.15
CA ALA A 66 18.56 -18.29 -17.61
C ALA A 66 18.59 -18.44 -16.10
N PRO A 67 18.78 -19.65 -15.58
CA PRO A 67 18.73 -19.84 -14.12
C PRO A 67 19.81 -19.09 -13.37
N ASN A 68 20.96 -18.84 -14.00
CA ASN A 68 22.10 -18.20 -13.34
C ASN A 68 22.35 -16.79 -13.84
N GLU A 69 21.35 -16.17 -14.48
CA GLU A 69 21.46 -14.79 -14.96
C GLU A 69 20.40 -13.96 -14.23
N PHE A 70 20.85 -13.03 -13.41
CA PHE A 70 19.95 -12.18 -12.64
C PHE A 70 20.23 -10.71 -12.96
N ASP A 71 19.23 -9.88 -12.70
CA ASP A 71 19.33 -8.44 -12.92
C ASP A 71 18.78 -7.74 -11.69
N VAL A 72 19.59 -6.87 -11.08
CA VAL A 72 19.20 -6.19 -9.85
C VAL A 72 19.35 -4.69 -10.04
N MET A 73 18.52 -3.94 -9.31
CA MET A 73 18.51 -2.48 -9.36
C MET A 73 18.91 -1.95 -7.98
N PHE A 74 19.85 -1.00 -7.97
CA PHE A 74 20.24 -0.28 -6.76
C PHE A 74 19.58 1.09 -6.79
N LYS A 75 18.67 1.34 -5.85
CA LYS A 75 18.05 2.65 -5.73
C LYS A 75 18.94 3.57 -4.90
N LEU A 76 18.89 4.86 -5.23
CA LEU A 76 19.68 5.87 -4.53
C LEU A 76 18.77 7.07 -4.31
N GLU A 77 18.42 7.35 -3.05
CA GLU A 77 17.60 8.50 -2.73
C GLU A 77 18.40 9.78 -2.93
N VAL A 78 17.78 10.75 -3.58
CA VAL A 78 18.45 11.99 -3.98
C VAL A 78 17.68 13.15 -3.34
N PRO A 79 18.33 14.28 -3.11
CA PRO A 79 17.58 15.51 -2.83
C PRO A 79 16.59 15.84 -3.94
N ARG A 80 15.74 16.82 -3.66
CA ARG A 80 14.67 17.20 -4.58
C ARG A 80 15.19 17.45 -5.98
N ILE A 81 14.72 16.64 -6.92
CA ILE A 81 15.20 16.64 -8.30
C ILE A 81 14.29 17.51 -9.15
N GLN A 82 14.88 18.30 -10.03
CA GLN A 82 14.15 19.01 -11.08
C GLN A 82 14.54 18.42 -12.43
N LEU A 83 13.56 18.03 -13.22
CA LEU A 83 13.80 17.38 -14.50
C LEU A 83 13.71 18.36 -15.65
N GLU A 84 14.49 18.09 -16.70
CA GLU A 84 14.44 18.83 -17.95
C GLU A 84 14.34 17.82 -19.08
N GLU A 85 13.18 17.76 -19.73
CA GLU A 85 12.97 16.80 -20.80
C GLU A 85 13.96 17.04 -21.93
N TYR A 86 14.47 15.95 -22.49
CA TYR A 86 15.43 16.02 -23.60
C TYR A 86 14.68 15.85 -24.91
N SER A 87 14.63 16.92 -25.71
CA SER A 87 14.23 16.91 -27.11
C SER A 87 12.93 16.13 -27.35
N ASN A 88 11.93 16.43 -26.54
CA ASN A 88 10.56 15.89 -26.68
C ASN A 88 10.52 14.37 -26.66
N THR A 89 11.53 13.70 -26.10
CA THR A 89 11.52 12.25 -26.07
C THR A 89 10.56 11.68 -25.04
N ARG A 90 10.06 12.50 -24.12
CA ARG A 90 9.09 12.10 -23.10
C ARG A 90 9.63 11.07 -22.11
N ALA A 91 10.69 10.33 -22.46
CA ALA A 91 11.24 9.34 -21.55
C ALA A 91 12.62 9.68 -21.02
N TYR A 92 13.36 10.55 -21.70
CA TYR A 92 14.73 10.88 -21.34
C TYR A 92 14.80 12.30 -20.82
N TYR A 93 15.55 12.49 -19.74
CA TYR A 93 15.58 13.78 -19.04
C TYR A 93 16.98 14.10 -18.58
N PHE A 94 17.26 15.39 -18.48
CA PHE A 94 18.38 15.88 -17.71
C PHE A 94 17.92 16.09 -16.27
N VAL A 95 18.84 15.91 -15.34
CA VAL A 95 18.53 16.01 -13.92
C VAL A 95 19.23 17.24 -13.36
N LYS A 96 18.45 18.11 -12.72
CA LYS A 96 18.94 19.27 -11.99
C LYS A 96 18.40 19.20 -10.57
N PHE A 97 18.89 20.10 -9.72
CA PHE A 97 18.52 20.10 -8.31
C PHE A 97 18.05 21.46 -7.88
N LYS A 98 17.04 21.48 -6.99
CA LYS A 98 16.53 22.75 -6.48
C LYS A 98 17.50 23.40 -5.51
N ARG A 99 18.28 22.62 -4.79
CA ARG A 99 19.24 23.16 -3.84
C ARG A 99 20.57 23.50 -4.51
N ASN A 104 24.63 19.24 -0.64
CA ASN A 104 24.38 18.23 -1.66
C ASN A 104 25.59 17.32 -1.83
N PRO A 105 25.43 16.04 -1.47
CA PRO A 105 26.57 15.12 -1.55
C PRO A 105 27.01 14.80 -2.96
N LEU A 106 26.12 14.93 -3.95
CA LEU A 106 26.45 14.63 -5.34
C LEU A 106 26.99 15.84 -6.08
N SER A 107 27.60 16.80 -5.38
CA SER A 107 28.13 17.99 -6.03
C SER A 107 29.27 17.65 -6.98
N GLN A 108 30.10 16.67 -6.60
CA GLN A 108 31.26 16.32 -7.41
C GLN A 108 30.88 15.80 -8.79
N PHE A 109 29.62 15.39 -8.98
CA PHE A 109 29.20 14.76 -10.23
C PHE A 109 28.39 15.70 -11.11
N LEU A 110 28.35 16.98 -10.79
CA LEU A 110 27.70 17.96 -11.65
C LEU A 110 28.64 18.38 -12.77
N GLU A 111 28.08 18.53 -13.97
CA GLU A 111 28.76 19.11 -15.11
C GLU A 111 27.96 20.34 -15.50
N GLY A 112 28.37 21.49 -14.93
CA GLY A 112 27.54 22.68 -14.94
C GLY A 112 26.48 22.59 -13.86
N GLU A 113 25.21 22.52 -14.28
CA GLU A 113 24.08 22.45 -13.37
C GLU A 113 23.30 21.15 -13.50
N ILE A 114 23.63 20.31 -14.48
CA ILE A 114 22.99 19.00 -14.64
C ILE A 114 23.83 17.94 -13.95
N LEU A 115 23.14 16.91 -13.47
CA LEU A 115 23.81 15.74 -12.91
C LEU A 115 24.37 14.90 -14.04
N SER A 116 25.69 14.70 -14.05
CA SER A 116 26.32 13.93 -15.11
C SER A 116 26.10 12.45 -14.89
N ALA A 117 25.44 11.79 -15.83
CA ALA A 117 25.35 10.33 -15.79
C ALA A 117 26.71 9.67 -15.99
N SER A 118 27.58 10.30 -16.79
CA SER A 118 28.92 9.74 -17.01
C SER A 118 29.75 9.72 -15.73
N LYS A 119 29.67 10.79 -14.92
CA LYS A 119 30.43 10.83 -13.69
C LYS A 119 29.82 9.92 -12.62
N MET A 120 28.50 9.73 -12.65
CA MET A 120 27.87 8.83 -11.70
C MET A 120 28.23 7.37 -11.98
N LEU A 121 28.17 6.97 -13.26
CA LEU A 121 28.56 5.61 -13.62
C LEU A 121 30.02 5.34 -13.31
N SER A 122 30.90 6.32 -13.55
CA SER A 122 32.32 6.13 -13.29
C SER A 122 32.59 5.86 -11.82
N LYS A 123 31.99 6.66 -10.94
CA LYS A 123 32.11 6.41 -9.51
C LYS A 123 31.43 5.11 -9.10
N PHE A 124 30.24 4.85 -9.65
CA PHE A 124 29.53 3.61 -9.37
C PHE A 124 30.39 2.41 -9.75
N ARG A 125 30.97 2.44 -10.95
CA ARG A 125 31.81 1.33 -11.40
C ARG A 125 33.10 1.24 -10.61
N LYS A 126 33.64 2.38 -10.15
CA LYS A 126 34.89 2.36 -9.40
C LYS A 126 34.70 1.75 -8.02
N ILE A 127 33.69 2.21 -7.28
CA ILE A 127 33.46 1.67 -5.94
C ILE A 127 33.15 0.18 -6.00
N ILE A 128 32.33 -0.23 -6.98
CA ILE A 128 31.97 -1.64 -7.08
C ILE A 128 33.21 -2.49 -7.34
N LYS A 129 34.09 -2.03 -8.24
CA LYS A 129 35.31 -2.76 -8.52
C LYS A 129 36.24 -2.77 -7.31
N GLU A 130 36.17 -1.75 -6.46
CA GLU A 130 37.02 -1.69 -5.29
C GLU A 130 36.51 -2.58 -4.16
N GLU A 131 35.19 -2.69 -4.00
CA GLU A 131 34.64 -3.53 -2.94
C GLU A 131 34.58 -5.00 -3.35
N ILE A 132 34.37 -5.29 -4.63
CA ILE A 132 34.49 -6.66 -5.13
C ILE A 132 35.90 -7.19 -4.93
N ASN A 133 36.89 -6.30 -4.95
CA ASN A 133 38.26 -6.65 -4.65
C ASN A 133 38.42 -7.09 -3.20
N ASP A 137 34.96 -14.75 -3.90
CA ASP A 137 34.89 -15.51 -5.15
C ASP A 137 34.02 -14.80 -6.18
N THR A 138 34.26 -13.51 -6.38
CA THR A 138 33.49 -12.71 -7.32
C THR A 138 34.41 -11.78 -8.10
N ASP A 139 34.09 -11.60 -9.38
CA ASP A 139 34.75 -10.63 -10.24
C ASP A 139 33.71 -9.67 -10.81
N VAL A 140 34.19 -8.58 -11.40
CA VAL A 140 33.32 -7.54 -11.94
C VAL A 140 33.65 -7.32 -13.41
N ILE A 141 32.62 -7.04 -14.22
CA ILE A 141 32.76 -6.79 -15.65
C ILE A 141 31.98 -5.53 -15.98
N MET A 142 32.61 -4.60 -16.68
CA MET A 142 31.92 -3.39 -17.14
C MET A 142 30.90 -3.77 -18.21
N LYS A 143 29.63 -3.45 -17.97
CA LYS A 143 28.57 -3.71 -18.94
C LYS A 143 28.55 -2.59 -19.97
N ARG A 144 29.03 -2.87 -21.17
CA ARG A 144 29.07 -1.89 -22.25
C ARG A 144 27.93 -2.14 -23.22
N LYS A 145 27.79 -1.24 -24.19
CA LYS A 145 26.79 -1.34 -25.26
C LYS A 145 25.36 -1.38 -24.71
N ARG A 146 25.13 -0.77 -23.56
CA ARG A 146 23.79 -0.70 -22.97
C ARG A 146 23.40 0.71 -22.56
N GLY A 147 24.22 1.72 -22.88
CA GLY A 147 23.92 3.10 -22.56
C GLY A 147 24.15 3.50 -21.11
N GLY A 148 24.68 2.60 -20.28
CA GLY A 148 24.90 2.87 -18.87
C GLY A 148 24.06 2.02 -17.94
N SER A 149 22.99 1.43 -18.43
CA SER A 149 22.09 0.59 -17.63
C SER A 149 21.83 -0.71 -18.38
N PRO A 150 22.29 -1.86 -17.88
CA PRO A 150 23.06 -2.03 -16.64
C PRO A 150 24.47 -1.44 -16.73
N ALA A 151 25.03 -1.11 -15.56
CA ALA A 151 26.35 -0.52 -15.48
C ALA A 151 27.46 -1.57 -15.43
N VAL A 152 27.32 -2.56 -14.56
CA VAL A 152 28.32 -3.60 -14.37
C VAL A 152 27.64 -4.96 -14.40
N THR A 153 28.46 -6.00 -14.52
CA THR A 153 28.02 -7.39 -14.41
C THR A 153 28.94 -8.10 -13.42
N LEU A 154 28.36 -8.63 -12.34
CA LEU A 154 29.10 -9.44 -11.40
C LEU A 154 29.16 -10.88 -11.89
N LEU A 155 30.31 -11.52 -11.72
CA LEU A 155 30.47 -12.95 -11.95
C LEU A 155 30.69 -13.61 -10.59
N ILE A 156 29.70 -14.38 -10.15
CA ILE A 156 29.70 -14.97 -8.81
C ILE A 156 29.92 -16.48 -8.95
N SER A 157 30.96 -16.97 -8.27
CA SER A 157 31.25 -18.41 -8.16
C SER A 157 31.41 -18.98 -9.56
N GLU A 158 30.73 -20.09 -9.89
CA GLU A 158 31.00 -20.79 -11.15
C GLU A 158 30.42 -20.05 -12.34
N LYS A 159 29.09 -20.04 -12.47
CA LYS A 159 28.47 -19.53 -13.70
C LYS A 159 27.29 -18.62 -13.42
N ILE A 160 27.30 -17.91 -12.30
CA ILE A 160 26.24 -16.98 -11.94
C ILE A 160 26.66 -15.57 -12.33
N SER A 161 25.79 -14.86 -13.06
CA SER A 161 26.06 -13.48 -13.44
C SER A 161 24.91 -12.59 -12.98
N VAL A 162 25.26 -11.38 -12.54
CA VAL A 162 24.30 -10.40 -12.04
C VAL A 162 24.56 -9.08 -12.73
N ASP A 163 23.55 -8.57 -13.43
CA ASP A 163 23.61 -7.22 -14.01
C ASP A 163 23.07 -6.22 -12.99
N ILE A 164 23.85 -5.17 -12.72
CA ILE A 164 23.51 -4.17 -11.71
C ILE A 164 23.25 -2.83 -12.38
N THR A 165 22.11 -2.22 -12.04
CA THR A 165 21.66 -0.96 -12.61
C THR A 165 21.47 0.06 -11.50
N LEU A 166 22.11 1.22 -11.64
CA LEU A 166 21.89 2.35 -10.74
C LEU A 166 20.60 3.07 -11.11
N ALA A 167 19.83 3.47 -10.09
CA ALA A 167 18.56 4.15 -10.30
C ALA A 167 18.36 5.24 -9.25
N LEU A 168 18.32 6.49 -9.69
CA LEU A 168 17.96 7.59 -8.80
C LEU A 168 16.50 7.47 -8.40
N GLU A 169 16.21 7.75 -7.14
CA GLU A 169 14.84 7.74 -6.64
C GLU A 169 14.37 9.16 -6.40
N SER A 170 13.18 9.48 -6.90
CA SER A 170 12.57 10.79 -6.70
C SER A 170 11.19 10.60 -6.11
N LYS A 171 10.95 11.23 -4.97
CA LYS A 171 9.63 11.17 -4.33
C LYS A 171 8.72 12.30 -4.76
N SER A 172 9.07 13.05 -5.81
CA SER A 172 8.25 14.12 -6.34
C SER A 172 7.12 13.56 -7.19
N SER A 173 6.22 14.43 -7.63
CA SER A 173 5.16 14.03 -8.55
C SER A 173 5.76 13.48 -9.83
N TRP A 174 5.08 12.49 -10.41
CA TRP A 174 5.54 11.92 -11.65
C TRP A 174 5.57 12.98 -12.74
N PRO A 175 6.48 12.86 -13.72
CA PRO A 175 6.54 13.85 -14.79
C PRO A 175 5.24 13.91 -15.60
N ALA A 176 5.04 15.06 -16.24
CA ALA A 176 3.82 15.31 -17.00
C ALA A 176 3.60 14.27 -18.09
N SER A 177 4.69 13.73 -18.65
CA SER A 177 4.59 12.77 -19.75
C SER A 177 3.90 11.46 -19.35
N THR A 178 3.64 11.25 -18.06
CA THR A 178 2.95 10.06 -17.58
C THR A 178 1.50 10.33 -17.21
N GLN A 179 0.99 11.54 -17.46
CA GLN A 179 -0.32 11.93 -16.96
C GLN A 179 -1.42 11.02 -17.50
N GLU A 180 -1.30 10.58 -18.75
CA GLU A 180 -2.29 9.72 -19.38
C GLU A 180 -1.87 8.26 -19.40
N GLY A 181 -0.79 7.89 -18.73
CA GLY A 181 -0.35 6.52 -18.66
C GLY A 181 -1.02 5.78 -17.52
N LEU A 182 -0.64 4.51 -17.39
CA LEU A 182 -1.11 3.65 -16.29
C LEU A 182 -2.63 3.64 -16.24
N ARG A 183 -3.23 3.25 -17.36
CA ARG A 183 -4.68 3.25 -17.53
C ARG A 183 -5.27 1.98 -16.91
N ILE A 184 -5.24 1.93 -15.59
CA ILE A 184 -5.69 0.76 -14.84
C ILE A 184 -7.00 1.01 -14.13
N GLN A 185 -7.65 2.15 -14.37
CA GLN A 185 -8.84 2.52 -13.59
C GLN A 185 -9.95 1.49 -13.74
N ASN A 186 -10.16 0.96 -14.93
CA ASN A 186 -11.24 -0.01 -15.09
C ASN A 186 -10.84 -1.41 -14.67
N TRP A 187 -9.56 -1.65 -14.41
CA TRP A 187 -9.05 -2.97 -14.07
C TRP A 187 -8.70 -3.08 -12.59
N LEU A 188 -7.82 -2.22 -12.08
CA LEU A 188 -7.43 -2.25 -10.68
C LEU A 188 -7.94 -1.07 -9.87
N SER A 189 -8.70 -0.15 -10.49
CA SER A 189 -9.43 0.97 -9.87
C SER A 189 -8.64 2.27 -9.90
N ALA A 190 -9.36 3.39 -10.01
CA ALA A 190 -8.75 4.71 -9.91
C ALA A 190 -8.10 4.95 -8.57
N LYS A 191 -8.59 4.30 -7.51
CA LYS A 191 -7.99 4.45 -6.19
C LYS A 191 -6.58 3.84 -6.18
N VAL A 192 -6.41 2.67 -6.77
CA VAL A 192 -5.09 2.06 -6.86
C VAL A 192 -4.17 2.89 -7.74
N ARG A 193 -4.68 3.40 -8.87
CA ARG A 193 -3.89 4.28 -9.72
C ARG A 193 -3.33 5.45 -8.92
N LYS A 194 -4.20 6.14 -8.18
CA LYS A 194 -3.74 7.29 -7.40
C LYS A 194 -2.69 6.88 -6.38
N GLN A 195 -2.87 5.73 -5.71
CA GLN A 195 -1.89 5.28 -4.74
C GLN A 195 -0.57 4.90 -5.40
N LEU A 196 -0.63 4.31 -6.60
CA LEU A 196 0.59 3.99 -7.33
C LEU A 196 1.35 5.26 -7.70
N ARG A 197 0.62 6.28 -8.17
CA ARG A 197 1.23 7.54 -8.57
C ARG A 197 1.79 8.35 -7.40
N LEU A 198 1.49 7.96 -6.16
CA LEU A 198 2.11 8.61 -5.02
C LEU A 198 3.43 7.97 -4.63
N LYS A 199 3.73 6.80 -5.18
CA LYS A 199 5.01 6.16 -4.95
C LYS A 199 6.11 6.90 -5.72
N PRO A 200 7.37 6.71 -5.35
CA PRO A 200 8.46 7.34 -6.09
C PRO A 200 8.52 6.80 -7.51
N PHE A 201 9.20 7.55 -8.37
CA PHE A 201 9.63 7.05 -9.66
C PHE A 201 11.16 7.03 -9.69
N TYR A 202 11.71 6.38 -10.71
CA TYR A 202 13.15 6.15 -10.76
C TYR A 202 13.71 6.62 -12.08
N LEU A 203 15.00 6.92 -12.07
CA LEU A 203 15.74 7.33 -13.25
C LEU A 203 17.01 6.52 -13.33
N VAL A 204 17.26 5.90 -14.48
CA VAL A 204 18.49 5.15 -14.71
C VAL A 204 19.32 5.89 -15.74
N PRO A 205 20.65 5.80 -15.68
CA PRO A 205 21.47 6.44 -16.72
C PRO A 205 21.33 5.70 -18.04
N LYS A 206 21.05 6.45 -19.10
CA LYS A 206 20.79 5.86 -20.42
C LYS A 206 20.99 6.93 -21.47
N HIS A 207 21.97 6.74 -22.34
CA HIS A 207 22.20 7.74 -23.38
C HIS A 207 21.11 7.65 -24.44
N ALA A 208 20.87 8.77 -25.11
CA ALA A 208 19.86 8.86 -26.14
C ALA A 208 20.54 9.15 -27.47
N LYS A 209 20.15 8.42 -28.51
CA LYS A 209 20.76 8.58 -29.83
C LYS A 209 20.16 9.79 -30.56
N GLY A 213 25.58 10.22 -33.19
CA GLY A 213 26.03 9.55 -31.99
C GLY A 213 24.98 9.45 -30.89
N PHE A 214 25.31 9.96 -29.72
CA PHE A 214 24.42 9.87 -28.57
C PHE A 214 24.65 11.06 -27.64
N GLN A 215 23.58 11.46 -26.95
CA GLN A 215 23.68 12.40 -25.84
C GLN A 215 23.86 11.60 -24.56
N GLU A 216 24.99 11.78 -23.88
CA GLU A 216 25.43 10.86 -22.85
C GLU A 216 25.06 11.29 -21.43
N GLU A 217 24.40 12.43 -21.25
CA GLU A 217 24.09 12.93 -19.91
C GLU A 217 22.60 12.85 -19.58
N THR A 218 21.87 11.97 -20.26
CA THR A 218 20.44 11.81 -20.04
C THR A 218 20.15 10.67 -19.07
N TRP A 219 18.98 10.75 -18.44
CA TRP A 219 18.42 9.72 -17.59
C TRP A 219 17.05 9.35 -18.11
N ARG A 220 16.66 8.09 -17.94
CA ARG A 220 15.39 7.58 -18.47
C ARG A 220 14.47 7.15 -17.34
N LEU A 221 13.17 7.38 -17.53
CA LEU A 221 12.19 7.00 -16.52
C LEU A 221 12.10 5.49 -16.39
N SER A 222 11.91 5.03 -15.15
CA SER A 222 11.75 3.60 -14.86
C SER A 222 10.69 3.42 -13.80
N PHE A 223 9.77 2.49 -14.06
CA PHE A 223 8.67 2.16 -13.16
C PHE A 223 8.63 0.66 -12.88
N SER A 224 9.81 0.05 -12.84
CA SER A 224 9.91 -1.39 -12.58
C SER A 224 9.22 -1.79 -11.30
N HIS A 225 9.26 -0.93 -10.28
CA HIS A 225 8.58 -1.25 -9.02
C HIS A 225 7.07 -1.26 -9.19
N ILE A 226 6.53 -0.42 -10.05
CA ILE A 226 5.08 -0.45 -10.30
C ILE A 226 4.71 -1.69 -11.08
N GLU A 227 5.54 -2.06 -12.07
CA GLU A 227 5.25 -3.27 -12.86
C GLU A 227 5.20 -4.51 -11.98
N LYS A 228 6.10 -4.60 -11.00
CA LYS A 228 6.09 -5.73 -10.09
C LYS A 228 4.82 -5.75 -9.24
N GLU A 229 4.42 -4.59 -8.71
CA GLU A 229 3.23 -4.52 -7.86
C GLU A 229 1.99 -4.99 -8.61
N ILE A 230 1.83 -4.53 -9.85
CA ILE A 230 0.66 -4.92 -10.62
C ILE A 230 0.69 -6.40 -10.97
N LEU A 231 1.87 -6.93 -11.29
CA LEU A 231 1.98 -8.34 -11.63
C LEU A 231 1.64 -9.24 -10.45
N ASN A 232 2.09 -8.87 -9.26
CA ASN A 232 1.84 -9.68 -8.07
C ASN A 232 0.49 -9.40 -7.43
N ASN A 233 -0.25 -8.40 -7.90
CA ASN A 233 -1.57 -8.05 -7.39
C ASN A 233 -2.42 -7.65 -8.60
N HIS A 234 -2.73 -8.65 -9.43
CA HIS A 234 -3.13 -8.45 -10.82
C HIS A 234 -4.62 -8.57 -11.07
N GLY A 235 -5.41 -9.01 -10.10
CA GLY A 235 -6.81 -9.22 -10.34
C GLY A 235 -7.65 -7.98 -10.03
N LYS A 236 -8.86 -7.97 -10.60
CA LYS A 236 -9.86 -7.02 -10.13
C LYS A 236 -10.32 -7.40 -8.72
N SER A 237 -10.57 -8.69 -8.50
CA SER A 237 -10.83 -9.18 -7.15
C SER A 237 -9.52 -9.22 -6.36
N LYS A 238 -9.60 -8.80 -5.10
CA LYS A 238 -8.42 -8.86 -4.25
C LYS A 238 -8.03 -10.31 -3.94
N THR A 239 -8.97 -11.25 -4.02
CA THR A 239 -8.69 -12.66 -3.80
C THR A 239 -8.49 -13.43 -5.10
N CYS A 240 -8.13 -12.74 -6.18
CA CYS A 240 -7.80 -13.40 -7.43
C CYS A 240 -6.63 -14.35 -7.20
N CYS A 241 -6.78 -15.60 -7.65
CA CYS A 241 -5.74 -16.61 -7.61
C CYS A 241 -5.40 -17.07 -6.19
N GLU A 242 -6.27 -16.76 -5.21
CA GLU A 242 -6.08 -17.20 -3.84
C GLU A 242 -6.91 -18.43 -3.48
N ASN A 243 -7.93 -18.75 -4.27
CA ASN A 243 -8.75 -19.94 -4.07
C ASN A 243 -9.07 -20.54 -5.43
N LYS A 244 -9.52 -21.80 -5.42
CA LYS A 244 -9.75 -22.52 -6.68
C LYS A 244 -10.80 -21.84 -7.55
N GLU A 245 -11.77 -21.15 -6.94
CA GLU A 245 -12.81 -20.49 -7.72
C GLU A 245 -12.32 -19.24 -8.43
N GLU A 246 -11.19 -18.67 -8.02
CA GLU A 246 -10.73 -17.40 -8.58
C GLU A 246 -9.37 -17.52 -9.25
N LYS A 247 -8.94 -18.72 -9.62
CA LYS A 247 -7.69 -18.86 -10.35
C LYS A 247 -7.83 -18.29 -11.75
N CYS A 248 -6.89 -17.43 -12.13
CA CYS A 248 -6.83 -16.85 -13.46
C CYS A 248 -5.54 -17.28 -14.15
N CYS A 249 -5.45 -17.01 -15.45
CA CYS A 249 -4.25 -17.39 -16.21
C CYS A 249 -3.48 -16.17 -16.71
N ARG A 250 -3.55 -15.06 -15.97
CA ARG A 250 -2.84 -13.85 -16.38
C ARG A 250 -1.32 -14.09 -16.37
N LYS A 251 -0.78 -14.51 -15.23
CA LYS A 251 0.67 -14.67 -15.10
C LYS A 251 1.20 -15.74 -16.04
N ASP A 252 0.44 -16.82 -16.25
CA ASP A 252 0.89 -17.88 -17.14
C ASP A 252 0.90 -17.42 -18.59
N CYS A 253 -0.02 -16.54 -18.97
CA CYS A 253 0.01 -16.00 -20.34
C CYS A 253 1.24 -15.14 -20.55
N LEU A 254 1.60 -14.31 -19.56
CA LEU A 254 2.85 -13.55 -19.64
C LEU A 254 4.05 -14.49 -19.74
N LYS A 255 4.07 -15.55 -18.93
CA LYS A 255 5.19 -16.48 -18.95
C LYS A 255 5.36 -17.09 -20.34
N LEU A 256 4.26 -17.53 -20.95
CA LEU A 256 4.33 -18.18 -22.26
C LEU A 256 4.71 -17.17 -23.35
N MET A 257 4.25 -15.94 -23.23
CA MET A 257 4.61 -14.90 -24.20
C MET A 257 6.12 -14.63 -24.16
N LYS A 258 6.69 -14.53 -22.96
CA LYS A 258 8.13 -14.33 -22.83
C LYS A 258 8.89 -15.56 -23.33
N TYR A 259 8.38 -16.76 -23.05
CA TYR A 259 9.07 -17.97 -23.49
C TYR A 259 9.06 -18.08 -25.02
N LEU A 260 7.92 -17.77 -25.64
CA LEU A 260 7.84 -17.82 -27.10
C LEU A 260 8.88 -16.92 -27.75
N LEU A 261 9.00 -15.68 -27.27
CA LEU A 261 9.96 -14.78 -27.89
C LEU A 261 11.39 -15.23 -27.63
N GLU A 262 11.69 -15.69 -26.40
CA GLU A 262 13.06 -16.12 -26.10
C GLU A 262 13.43 -17.34 -26.93
N GLN A 263 12.51 -18.29 -27.13
CA GLN A 263 12.82 -19.46 -27.94
C GLN A 263 12.98 -19.11 -29.41
N LEU A 264 12.22 -18.13 -29.89
CA LEU A 264 12.40 -17.66 -31.27
C LEU A 264 13.75 -16.96 -31.42
N LYS A 265 14.13 -16.13 -30.45
CA LYS A 265 15.40 -15.41 -30.55
C LYS A 265 16.58 -16.37 -30.50
N GLU A 266 16.50 -17.41 -29.67
CA GLU A 266 17.54 -18.43 -29.68
C GLU A 266 17.55 -19.18 -31.01
N ARG A 267 16.39 -19.35 -31.63
CA ARG A 267 16.30 -20.05 -32.91
C ARG A 267 17.01 -19.28 -34.02
N PHE A 268 16.91 -17.95 -34.00
CA PHE A 268 17.54 -17.10 -35.00
C PHE A 268 18.65 -16.24 -34.39
N LYS A 269 19.49 -16.84 -33.55
CA LYS A 269 20.48 -16.07 -32.80
C LYS A 269 21.58 -15.51 -33.69
N ASP A 270 21.97 -16.24 -34.74
CA ASP A 270 23.16 -15.83 -35.50
C ASP A 270 22.90 -14.59 -36.36
N LYS A 271 21.67 -14.41 -36.84
CA LYS A 271 21.32 -13.22 -37.58
C LYS A 271 20.59 -12.23 -36.66
N LYS A 272 20.77 -10.94 -36.94
CA LYS A 272 20.29 -9.88 -36.07
C LYS A 272 18.84 -9.47 -36.35
N HIS A 273 18.02 -10.39 -36.87
CA HIS A 273 16.64 -10.03 -37.20
C HIS A 273 15.82 -9.77 -35.95
N LEU A 274 16.05 -10.54 -34.89
CA LEU A 274 15.29 -10.41 -33.65
C LEU A 274 16.12 -9.78 -32.53
N ASP A 275 17.25 -9.17 -32.87
CA ASP A 275 18.16 -8.62 -31.84
C ASP A 275 17.51 -7.47 -31.07
N LYS A 276 16.69 -6.67 -31.74
CA LYS A 276 16.14 -5.46 -31.11
C LYS A 276 14.91 -5.73 -30.26
N PHE A 277 14.36 -6.94 -30.29
CA PHE A 277 13.15 -7.25 -29.52
C PHE A 277 13.52 -7.70 -28.11
N SER A 278 12.70 -7.28 -27.15
CA SER A 278 13.02 -7.47 -25.74
C SER A 278 11.82 -8.02 -24.99
N SER A 279 12.10 -8.67 -23.85
CA SER A 279 11.04 -9.11 -22.96
C SER A 279 10.18 -7.95 -22.47
N TYR A 280 10.73 -6.73 -22.48
CA TYR A 280 9.93 -5.57 -22.10
C TYR A 280 8.82 -5.29 -23.12
N HIS A 281 9.04 -5.59 -24.40
CA HIS A 281 7.98 -5.41 -25.39
C HIS A 281 6.81 -6.34 -25.11
N VAL A 282 7.10 -7.61 -24.83
CA VAL A 282 6.07 -8.57 -24.46
C VAL A 282 5.37 -8.15 -23.17
N LYS A 283 6.15 -7.69 -22.19
CA LYS A 283 5.60 -7.23 -20.92
C LYS A 283 4.68 -6.04 -21.12
N THR A 284 5.10 -5.08 -21.94
CA THR A 284 4.26 -3.90 -22.20
C THR A 284 2.98 -4.28 -22.93
N ALA A 285 3.07 -5.14 -23.93
CA ALA A 285 1.88 -5.59 -24.64
C ALA A 285 0.92 -6.32 -23.71
N PHE A 286 1.47 -7.10 -22.77
CA PHE A 286 0.62 -7.82 -21.84
C PHE A 286 -0.17 -6.86 -20.95
N PHE A 287 0.47 -5.79 -20.48
CA PHE A 287 -0.23 -4.82 -19.63
C PHE A 287 -1.39 -4.17 -20.38
N HIS A 288 -1.21 -3.89 -21.68
CA HIS A 288 -2.30 -3.34 -22.47
C HIS A 288 -3.42 -4.36 -22.65
N VAL A 289 -3.08 -5.63 -22.81
CA VAL A 289 -4.10 -6.67 -22.91
C VAL A 289 -4.93 -6.71 -21.64
N CYS A 290 -4.29 -6.53 -20.48
CA CYS A 290 -5.01 -6.49 -19.21
C CYS A 290 -5.94 -5.28 -19.14
N THR A 291 -5.50 -4.14 -19.68
CA THR A 291 -6.35 -2.96 -19.71
C THR A 291 -7.58 -3.19 -20.58
N GLN A 292 -7.40 -3.84 -21.73
CA GLN A 292 -8.53 -4.11 -22.63
C GLN A 292 -9.43 -5.21 -22.12
N ASN A 293 -8.97 -6.03 -21.17
CA ASN A 293 -9.75 -7.14 -20.60
C ASN A 293 -9.64 -7.09 -19.09
N PRO A 294 -10.37 -6.18 -18.43
CA PRO A 294 -10.17 -5.96 -17.00
C PRO A 294 -10.87 -6.95 -16.09
N GLN A 295 -11.81 -7.74 -16.60
CA GLN A 295 -12.60 -8.64 -15.74
C GLN A 295 -11.87 -9.95 -15.53
N ASP A 296 -11.87 -10.43 -14.29
CA ASP A 296 -11.18 -11.69 -13.98
C ASP A 296 -11.81 -12.86 -14.72
N SER A 297 -13.12 -12.80 -14.96
CA SER A 297 -13.83 -13.87 -15.66
C SER A 297 -13.33 -14.04 -17.10
N GLN A 298 -12.71 -13.03 -17.69
CA GLN A 298 -12.14 -13.15 -19.02
C GLN A 298 -10.79 -13.85 -19.04
N TRP A 299 -10.28 -14.24 -17.88
CA TRP A 299 -8.97 -14.87 -17.75
C TRP A 299 -9.06 -16.22 -17.05
N ASP A 300 -10.20 -16.89 -17.16
CA ASP A 300 -10.40 -18.17 -16.49
C ASP A 300 -9.41 -19.22 -17.00
N ARG A 301 -8.99 -20.10 -16.09
CA ARG A 301 -7.95 -21.08 -16.43
C ARG A 301 -8.42 -22.12 -17.43
N LYS A 302 -9.72 -22.39 -17.50
CA LYS A 302 -10.23 -23.33 -18.48
C LYS A 302 -10.08 -22.81 -19.90
N ASP A 303 -9.83 -21.50 -20.05
CA ASP A 303 -9.62 -20.88 -21.35
C ASP A 303 -8.17 -20.43 -21.52
N LEU A 304 -7.23 -21.18 -20.92
CA LEU A 304 -5.81 -20.85 -21.08
C LEU A 304 -5.42 -20.81 -22.55
N GLY A 305 -5.93 -21.77 -23.35
CA GLY A 305 -5.62 -21.76 -24.76
C GLY A 305 -6.14 -20.53 -25.47
N LEU A 306 -7.40 -20.17 -25.19
CA LEU A 306 -7.98 -18.97 -25.79
C LEU A 306 -7.22 -17.72 -25.37
N CYS A 307 -6.94 -17.59 -24.07
CA CYS A 307 -6.33 -16.37 -23.56
C CYS A 307 -4.94 -16.16 -24.14
N PHE A 308 -4.11 -17.21 -24.17
CA PHE A 308 -2.80 -17.08 -24.80
C PHE A 308 -2.93 -16.75 -26.28
N ASP A 309 -3.92 -17.35 -26.97
CA ASP A 309 -4.14 -17.04 -28.38
C ASP A 309 -4.46 -15.56 -28.57
N ASN A 310 -5.29 -15.00 -27.69
CA ASN A 310 -5.62 -13.57 -27.80
C ASN A 310 -4.44 -12.69 -27.43
N CYS A 311 -3.55 -13.17 -26.55
CA CYS A 311 -2.35 -12.41 -26.23
C CYS A 311 -1.37 -12.38 -27.40
N VAL A 312 -1.16 -13.54 -28.03
CA VAL A 312 -0.32 -13.58 -29.23
C VAL A 312 -0.89 -12.67 -30.30
N THR A 313 -2.20 -12.75 -30.53
CA THR A 313 -2.86 -11.93 -31.54
C THR A 313 -2.67 -10.45 -31.28
N TYR A 314 -2.82 -10.02 -30.01
CA TYR A 314 -2.63 -8.61 -29.70
C TYR A 314 -1.20 -8.17 -29.99
N PHE A 315 -0.21 -8.98 -29.62
CA PHE A 315 1.17 -8.63 -29.89
C PHE A 315 1.43 -8.60 -31.39
N LEU A 316 0.80 -9.50 -32.14
CA LEU A 316 0.87 -9.46 -33.60
C LEU A 316 0.30 -8.15 -34.14
N GLN A 317 -0.82 -7.70 -33.58
CA GLN A 317 -1.41 -6.45 -34.05
C GLN A 317 -0.49 -5.26 -33.79
N CYS A 318 0.23 -5.28 -32.66
CA CYS A 318 1.17 -4.20 -32.37
C CYS A 318 2.31 -4.15 -33.37
N LEU A 319 2.81 -5.31 -33.80
CA LEU A 319 3.88 -5.32 -34.79
C LEU A 319 3.40 -4.86 -36.15
N ARG A 320 2.20 -5.28 -36.56
CA ARG A 320 1.69 -4.92 -37.88
C ARG A 320 1.42 -3.43 -37.97
N THR A 321 0.77 -2.86 -36.96
CA THR A 321 0.54 -1.43 -36.90
C THR A 321 1.75 -0.63 -36.43
N GLU A 322 2.84 -1.31 -36.05
CA GLU A 322 4.04 -0.68 -35.49
C GLU A 322 3.70 0.32 -34.40
N LYS A 323 2.83 -0.12 -33.48
CA LYS A 323 2.42 0.72 -32.36
C LYS A 323 2.46 -0.09 -31.07
N LEU A 324 3.24 0.38 -30.10
CA LEU A 324 3.23 -0.19 -28.76
C LEU A 324 3.76 0.89 -27.83
N GLU A 325 2.84 1.66 -27.26
CA GLU A 325 3.22 2.75 -26.39
C GLU A 325 3.68 2.22 -25.05
N ASN A 326 4.67 2.91 -24.48
CA ASN A 326 5.11 2.63 -23.13
C ASN A 326 3.88 2.73 -22.22
N TYR A 327 3.72 1.74 -21.33
CA TYR A 327 2.52 1.67 -20.51
C TYR A 327 2.39 2.88 -19.60
N PHE A 328 3.51 3.49 -19.24
CA PHE A 328 3.52 4.63 -18.34
C PHE A 328 3.68 5.95 -19.06
N ILE A 329 4.28 5.94 -20.25
CA ILE A 329 4.56 7.12 -21.06
C ILE A 329 3.89 6.91 -22.43
N PRO A 330 2.61 7.25 -22.57
CA PRO A 330 1.87 6.85 -23.80
C PRO A 330 2.39 7.46 -25.08
N GLU A 331 3.10 8.59 -25.04
CA GLU A 331 3.62 9.21 -26.25
C GLU A 331 4.90 8.55 -26.74
N PHE A 332 5.43 7.57 -26.01
CA PHE A 332 6.68 6.91 -26.37
C PHE A 332 6.35 5.57 -27.02
N ASN A 333 6.59 5.48 -28.33
CA ASN A 333 6.26 4.29 -29.12
C ASN A 333 7.49 3.37 -29.14
N LEU A 334 7.42 2.27 -28.38
CA LEU A 334 8.51 1.29 -28.38
C LEU A 334 8.71 0.64 -29.74
N PHE A 335 7.69 0.67 -30.60
CA PHE A 335 7.75 0.06 -31.93
C PHE A 335 7.97 1.10 -33.02
N SER A 336 8.39 2.31 -32.65
CA SER A 336 8.63 3.33 -33.66
C SER A 336 9.71 2.85 -34.62
N SER A 337 9.61 3.32 -35.87
CA SER A 337 10.58 2.94 -36.89
C SER A 337 11.99 3.49 -36.59
N ASN A 338 12.10 4.47 -35.70
CA ASN A 338 13.42 4.93 -35.27
C ASN A 338 14.09 3.93 -34.35
N LEU A 339 13.32 3.01 -33.75
CA LEU A 339 13.85 2.03 -32.82
C LEU A 339 13.94 0.63 -33.42
N ILE A 340 12.94 0.21 -34.18
CA ILE A 340 12.90 -1.12 -34.77
C ILE A 340 12.42 -1.00 -36.22
N ASP A 341 13.22 -1.49 -37.16
CA ASP A 341 12.89 -1.33 -38.56
C ASP A 341 11.74 -2.26 -38.96
N LYS A 342 11.04 -1.87 -40.04
CA LYS A 342 9.83 -2.58 -40.44
C LYS A 342 10.11 -4.04 -40.77
N ARG A 343 11.26 -4.33 -41.40
CA ARG A 343 11.57 -5.70 -41.77
C ARG A 343 11.73 -6.61 -40.55
N SER A 344 12.30 -6.08 -39.47
CA SER A 344 12.42 -6.88 -38.25
C SER A 344 11.05 -7.25 -37.68
N LYS A 345 10.12 -6.28 -37.68
CA LYS A 345 8.77 -6.57 -37.20
C LYS A 345 8.06 -7.55 -38.12
N GLU A 346 8.26 -7.43 -39.43
CA GLU A 346 7.64 -8.37 -40.37
C GLU A 346 8.23 -9.76 -40.22
N PHE A 347 9.54 -9.84 -39.96
CA PHE A 347 10.16 -11.14 -39.72
C PHE A 347 9.58 -11.81 -38.49
N LEU A 348 9.47 -11.05 -37.38
CA LEU A 348 8.91 -11.62 -36.16
C LEU A 348 7.44 -11.99 -36.35
N THR A 349 6.71 -11.18 -37.10
CA THR A 349 5.30 -11.50 -37.37
C THR A 349 5.17 -12.83 -38.08
N LYS A 350 5.98 -13.04 -39.12
CA LYS A 350 5.89 -14.27 -39.90
C LYS A 350 6.23 -15.49 -39.06
N GLN A 351 7.26 -15.40 -38.21
CA GLN A 351 7.65 -16.56 -37.41
C GLN A 351 6.63 -16.87 -36.33
N ILE A 352 6.04 -15.85 -35.70
CA ILE A 352 5.04 -16.08 -34.67
C ILE A 352 3.78 -16.68 -35.28
N GLU A 353 3.36 -16.18 -36.45
CA GLU A 353 2.18 -16.73 -37.11
C GLU A 353 2.40 -18.18 -37.52
N TYR A 354 3.58 -18.50 -38.04
CA TYR A 354 3.91 -19.89 -38.33
C TYR A 354 3.78 -20.76 -37.08
N GLU A 355 4.34 -20.30 -35.96
CA GLU A 355 4.26 -21.08 -34.73
C GLU A 355 2.82 -21.27 -34.28
N ARG A 356 2.02 -20.19 -34.32
CA ARG A 356 0.64 -20.30 -33.85
C ARG A 356 -0.18 -21.23 -34.73
N ASN A 357 0.12 -21.27 -36.03
CA ASN A 357 -0.61 -22.15 -36.96
C ASN A 357 -0.22 -23.60 -36.82
N ASN A 358 0.87 -23.91 -36.14
CA ASN A 358 1.38 -25.28 -36.06
C ASN A 358 1.52 -25.74 -34.61
N GLU A 359 0.73 -25.18 -33.70
CA GLU A 359 0.70 -25.57 -32.29
C GLU A 359 2.07 -25.38 -31.63
N PHE A 360 2.80 -24.34 -32.03
CA PHE A 360 4.04 -23.90 -31.42
C PHE A 360 5.08 -25.02 -31.30
N PRO A 361 5.68 -25.46 -32.42
CA PRO A 361 6.79 -26.43 -32.31
C PRO A 361 8.01 -25.90 -31.56
N VAL A 362 8.18 -24.57 -31.44
CA VAL A 362 9.27 -24.04 -30.63
C VAL A 362 9.19 -24.55 -29.20
N PHE A 363 7.99 -24.82 -28.72
CA PHE A 363 7.79 -25.26 -27.35
C PHE A 363 8.15 -26.73 -27.13
N ASP A 364 8.51 -27.46 -28.17
CA ASP A 364 8.86 -28.87 -28.03
C ASP A 364 10.16 -29.04 -27.26
N GLY B 5 -39.50 0.45 4.86
CA GLY B 5 -38.86 1.30 5.86
C GLY B 5 -37.48 1.79 5.47
N ALA B 6 -36.94 1.26 4.37
CA ALA B 6 -35.61 1.66 3.92
C ALA B 6 -35.56 3.12 3.47
N SER B 7 -36.71 3.72 3.16
CA SER B 7 -36.71 5.12 2.72
C SER B 7 -36.34 6.05 3.87
N LYS B 8 -36.78 5.73 5.09
CA LYS B 8 -36.40 6.54 6.24
C LYS B 8 -34.90 6.46 6.52
N LEU B 9 -34.28 5.30 6.24
CA LEU B 9 -32.83 5.22 6.36
C LEU B 9 -32.13 6.09 5.33
N ARG B 10 -32.72 6.19 4.13
CA ARG B 10 -32.15 7.09 3.13
C ARG B 10 -32.33 8.55 3.51
N ALA B 11 -33.46 8.89 4.13
CA ALA B 11 -33.66 10.26 4.59
C ALA B 11 -32.60 10.66 5.60
N VAL B 12 -32.25 9.76 6.52
CA VAL B 12 -31.18 10.04 7.48
C VAL B 12 -29.87 10.29 6.75
N LEU B 13 -29.55 9.44 5.78
CA LEU B 13 -28.30 9.60 5.03
C LEU B 13 -28.28 10.93 4.29
N GLU B 14 -29.42 11.30 3.69
CA GLU B 14 -29.54 12.59 3.01
C GLU B 14 -29.29 13.75 3.96
N LYS B 15 -29.92 13.71 5.14
CA LYS B 15 -29.81 14.82 6.08
C LYS B 15 -28.43 14.86 6.74
N LEU B 16 -27.71 13.75 6.76
CA LEU B 16 -26.35 13.75 7.29
C LEU B 16 -25.40 14.53 6.39
N LYS B 17 -25.71 14.63 5.10
CA LYS B 17 -24.83 15.32 4.17
C LYS B 17 -24.93 16.84 4.29
N LEU B 18 -25.97 17.37 4.91
CA LEU B 18 -26.09 18.81 5.06
C LEU B 18 -24.95 19.39 5.90
N SER B 19 -24.30 18.57 6.73
CA SER B 19 -23.25 19.04 7.61
C SER B 19 -21.86 18.91 7.00
N ARG B 20 -21.74 18.45 5.76
CA ARG B 20 -20.44 18.21 5.16
C ARG B 20 -19.62 19.50 5.06
N ASP B 21 -20.26 20.61 4.68
CA ASP B 21 -19.54 21.87 4.56
C ASP B 21 -19.06 22.35 5.93
N ASP B 22 -19.90 22.24 6.96
CA ASP B 22 -19.51 22.70 8.28
C ASP B 22 -18.38 21.85 8.85
N ILE B 23 -18.43 20.53 8.64
CA ILE B 23 -17.34 19.65 9.06
C ILE B 23 -16.05 20.06 8.37
N SER B 24 -16.10 20.30 7.06
CA SER B 24 -14.89 20.60 6.30
C SER B 24 -14.26 21.92 6.75
N THR B 25 -15.09 22.94 7.01
CA THR B 25 -14.55 24.23 7.42
C THR B 25 -13.88 24.14 8.78
N ALA B 26 -14.48 23.40 9.71
CA ALA B 26 -13.86 23.22 11.03
C ALA B 26 -12.61 22.37 10.94
N ALA B 27 -12.61 21.34 10.08
CA ALA B 27 -11.42 20.51 9.92
C ALA B 27 -10.23 21.34 9.42
N GLY B 28 -10.48 22.29 8.52
CA GLY B 28 -9.40 23.16 8.06
C GLY B 28 -8.86 24.05 9.16
N MET B 29 -9.74 24.51 10.06
CA MET B 29 -9.28 25.32 11.19
C MET B 29 -8.47 24.47 12.17
N VAL B 30 -8.91 23.24 12.42
CA VAL B 30 -8.16 22.33 13.28
C VAL B 30 -6.78 22.07 12.70
N LYS B 31 -6.72 21.76 11.39
CA LYS B 31 -5.44 21.44 10.74
C LYS B 31 -4.41 22.54 10.95
N GLY B 32 -4.83 23.80 10.81
CA GLY B 32 -3.89 24.90 10.98
C GLY B 32 -3.34 24.98 12.39
N VAL B 33 -4.20 24.79 13.39
CA VAL B 33 -3.72 24.78 14.77
C VAL B 33 -2.84 23.57 15.02
N VAL B 34 -3.25 22.40 14.51
CA VAL B 34 -2.50 21.17 14.74
C VAL B 34 -1.12 21.26 14.10
N ASP B 35 -1.02 21.85 12.91
CA ASP B 35 0.26 21.98 12.24
C ASP B 35 1.22 22.87 13.01
N HIS B 36 0.70 23.91 13.69
CA HIS B 36 1.55 24.75 14.53
C HIS B 36 2.05 24.00 15.75
N LEU B 37 1.23 23.12 16.32
CA LEU B 37 1.66 22.32 17.46
C LEU B 37 2.77 21.35 17.06
N LEU B 38 2.60 20.66 15.93
CA LEU B 38 3.59 19.67 15.53
C LEU B 38 4.95 20.32 15.27
N LEU B 39 4.95 21.54 14.69
CA LEU B 39 6.22 22.26 14.49
C LEU B 39 6.87 22.59 15.83
N ARG B 40 6.08 23.01 16.81
CA ARG B 40 6.64 23.30 18.13
C ARG B 40 7.12 22.02 18.81
N LEU B 41 6.37 20.94 18.66
CA LEU B 41 6.76 19.68 19.28
C LEU B 41 8.05 19.13 18.68
N LYS B 42 8.17 19.17 17.35
CA LYS B 42 9.36 18.65 16.68
C LYS B 42 10.63 19.38 17.10
N CYS B 43 10.53 20.53 17.76
CA CYS B 43 11.70 21.23 18.26
C CYS B 43 12.25 20.65 19.55
N ASP B 44 11.45 19.85 20.27
CA ASP B 44 11.91 19.21 21.49
C ASP B 44 12.64 17.92 21.15
N SER B 45 13.75 17.67 21.84
CA SER B 45 14.58 16.52 21.50
C SER B 45 13.85 15.20 21.76
N ALA B 46 12.96 15.18 22.76
CA ALA B 46 12.22 13.95 23.04
C ALA B 46 11.17 13.67 21.99
N PHE B 47 10.58 14.71 21.38
CA PHE B 47 9.52 14.54 20.39
C PHE B 47 9.99 14.88 18.98
N ARG B 48 11.29 14.73 18.72
CA ARG B 48 11.84 15.14 17.42
C ARG B 48 11.16 14.42 16.26
N GLY B 49 10.70 13.19 16.47
CA GLY B 49 10.08 12.43 15.40
C GLY B 49 8.57 12.33 15.48
N VAL B 50 7.93 13.36 16.02
CA VAL B 50 6.47 13.35 16.15
C VAL B 50 5.84 13.67 14.79
N GLY B 51 4.68 13.08 14.54
CA GLY B 51 3.96 13.31 13.29
C GLY B 51 2.48 13.06 13.48
N LEU B 52 1.70 13.52 12.51
CA LEU B 52 0.25 13.39 12.53
C LEU B 52 -0.16 12.06 11.91
N LEU B 53 -1.09 11.38 12.57
CA LEU B 53 -1.44 10.02 12.15
C LEU B 53 -2.55 9.97 11.11
N ASN B 54 -3.48 10.94 11.12
CA ASN B 54 -4.57 11.01 10.14
C ASN B 54 -5.48 9.78 10.21
N THR B 55 -6.14 9.64 11.36
CA THR B 55 -7.12 8.59 11.58
C THR B 55 -8.41 9.20 12.09
N GLY B 56 -9.38 8.36 12.40
CA GLY B 56 -10.65 8.80 12.93
C GLY B 56 -11.71 8.90 11.86
N SER B 57 -12.94 9.12 12.32
CA SER B 57 -14.11 9.02 11.45
C SER B 57 -14.11 10.07 10.34
N TYR B 58 -13.41 11.19 10.52
CA TYR B 58 -13.37 12.21 9.48
C TYR B 58 -12.63 11.71 8.26
N TYR B 59 -11.45 11.12 8.47
CA TYR B 59 -10.69 10.54 7.36
C TYR B 59 -11.27 9.22 6.88
N GLU B 60 -12.18 8.61 7.63
CA GLU B 60 -12.92 7.44 7.19
C GLU B 60 -14.22 7.79 6.50
N HIS B 61 -14.57 9.08 6.43
CA HIS B 61 -15.80 9.56 5.80
C HIS B 61 -17.06 8.99 6.45
N VAL B 62 -17.02 8.72 7.76
CA VAL B 62 -18.19 8.19 8.46
C VAL B 62 -18.48 9.02 9.70
N LYS B 63 -18.12 10.30 9.68
CA LYS B 63 -18.40 11.19 10.80
C LYS B 63 -19.87 11.60 10.76
N ILE B 64 -20.61 11.27 11.83
CA ILE B 64 -22.05 11.48 11.87
C ILE B 64 -22.50 12.34 13.04
N SER B 65 -21.56 12.88 13.81
CA SER B 65 -21.91 13.58 15.04
C SER B 65 -20.92 14.69 15.30
N ALA B 66 -21.38 15.73 15.99
CA ALA B 66 -20.55 16.82 16.49
C ALA B 66 -19.66 17.37 15.38
N PRO B 67 -20.22 18.15 14.45
CA PRO B 67 -19.39 18.65 13.33
C PRO B 67 -18.21 19.49 13.76
N ASN B 68 -18.21 20.03 14.98
CA ASN B 68 -17.12 20.88 15.46
C ASN B 68 -16.26 20.20 16.51
N GLU B 69 -16.30 18.86 16.58
CA GLU B 69 -15.49 18.10 17.53
C GLU B 69 -14.68 17.06 16.77
N PHE B 70 -13.38 17.03 17.00
CA PHE B 70 -12.48 16.15 16.26
C PHE B 70 -11.53 15.43 17.21
N ASP B 71 -11.06 14.27 16.76
CA ASP B 71 -10.05 13.48 17.45
C ASP B 71 -8.80 13.42 16.59
N VAL B 72 -7.65 13.71 17.20
CA VAL B 72 -6.38 13.81 16.49
C VAL B 72 -5.34 12.99 17.24
N MET B 73 -4.53 12.23 16.50
CA MET B 73 -3.49 11.39 17.08
C MET B 73 -2.13 11.86 16.58
N PHE B 74 -1.26 12.24 17.51
CA PHE B 74 0.15 12.49 17.21
C PHE B 74 0.92 11.20 17.44
N LYS B 75 1.62 10.73 16.41
CA LYS B 75 2.43 9.52 16.51
C LYS B 75 3.89 9.89 16.76
N LEU B 76 4.57 9.04 17.53
CA LEU B 76 5.97 9.26 17.89
C LEU B 76 6.73 7.96 17.67
N GLU B 77 7.66 7.98 16.71
CA GLU B 77 8.47 6.80 16.43
C GLU B 77 9.43 6.56 17.59
N VAL B 78 9.60 5.30 17.97
CA VAL B 78 10.32 4.98 19.20
C VAL B 78 11.44 3.95 19.01
N ARG B 80 13.27 0.97 19.22
CA ARG B 80 13.13 -0.48 19.32
C ARG B 80 12.71 -0.88 20.72
N ILE B 81 11.42 -1.11 20.92
CA ILE B 81 10.88 -1.33 22.24
C ILE B 81 10.64 -2.82 22.47
N GLN B 82 10.59 -3.19 23.74
CA GLN B 82 10.25 -4.53 24.19
C GLN B 82 9.00 -4.43 25.04
N LEU B 83 7.97 -5.23 24.69
CA LEU B 83 6.69 -5.17 25.38
C LEU B 83 6.57 -6.26 26.43
N GLU B 84 5.94 -5.92 27.55
CA GLU B 84 5.65 -6.86 28.63
C GLU B 84 4.16 -6.78 28.93
N GLU B 85 3.43 -7.82 28.57
CA GLU B 85 1.99 -7.83 28.76
C GLU B 85 1.64 -7.70 30.25
N TYR B 86 0.60 -6.93 30.54
CA TYR B 86 0.15 -6.71 31.91
C TYR B 86 -1.01 -7.64 32.20
N SER B 87 -0.84 -8.50 33.21
CA SER B 87 -1.92 -9.28 33.82
C SER B 87 -2.73 -10.08 32.80
N ASN B 88 -2.08 -10.57 31.73
CA ASN B 88 -2.74 -11.33 30.66
C ASN B 88 -3.92 -10.58 30.04
N THR B 89 -3.86 -9.25 30.01
CA THR B 89 -4.99 -8.49 29.45
C THR B 89 -5.01 -8.49 27.93
N ARG B 90 -3.93 -8.91 27.28
CA ARG B 90 -3.83 -9.03 25.82
C ARG B 90 -3.72 -7.67 25.11
N ALA B 91 -4.27 -6.61 25.70
CA ALA B 91 -4.25 -5.30 25.05
C ALA B 91 -3.42 -4.25 25.78
N TYR B 92 -3.07 -4.46 27.05
CA TYR B 92 -2.36 -3.47 27.84
C TYR B 92 -0.94 -3.96 28.10
N TYR B 93 0.03 -3.06 27.98
CA TYR B 93 1.44 -3.45 28.02
C TYR B 93 2.25 -2.40 28.76
N PHE B 94 3.28 -2.87 29.46
CA PHE B 94 4.39 -2.01 29.86
C PHE B 94 5.38 -1.95 28.72
N VAL B 95 6.08 -0.82 28.62
CA VAL B 95 7.04 -0.59 27.54
C VAL B 95 8.44 -0.56 28.15
N LYS B 96 9.31 -1.41 27.63
CA LYS B 96 10.73 -1.40 27.95
C LYS B 96 11.52 -1.21 26.66
N PHE B 97 12.82 -0.99 26.81
CA PHE B 97 13.69 -0.73 25.66
C PHE B 97 14.78 -1.79 25.58
N LYS B 98 15.05 -2.25 24.36
CA LYS B 98 16.23 -3.05 24.08
C LYS B 98 17.37 -2.12 23.67
N ARG B 99 18.58 -2.48 24.08
CA ARG B 99 19.78 -1.70 23.79
C ARG B 99 19.63 -0.23 24.19
N ASN B 104 19.11 7.10 23.94
CA ASN B 104 17.66 7.09 24.01
C ASN B 104 17.10 8.48 24.28
N PRO B 105 16.35 9.01 23.32
CA PRO B 105 15.75 10.34 23.51
C PRO B 105 14.69 10.38 24.61
N LEU B 106 14.09 9.24 24.96
CA LEU B 106 13.02 9.19 25.96
C LEU B 106 13.53 8.74 27.32
N SER B 107 14.85 8.77 27.55
CA SER B 107 15.40 8.32 28.83
C SER B 107 14.99 9.22 29.97
N GLN B 108 14.62 10.48 29.70
CA GLN B 108 14.09 11.36 30.74
C GLN B 108 12.72 10.91 31.23
N PHE B 109 12.02 10.07 30.49
CA PHE B 109 10.70 9.58 30.89
C PHE B 109 10.74 8.18 31.50
N LEU B 110 11.93 7.68 31.84
CA LEU B 110 12.05 6.36 32.42
C LEU B 110 11.74 6.40 33.91
N GLU B 111 11.11 5.34 34.41
CA GLU B 111 10.96 5.07 35.83
C GLU B 111 11.42 3.63 36.04
N GLY B 112 12.66 3.46 36.48
CA GLY B 112 13.28 2.15 36.46
C GLY B 112 13.61 1.76 35.03
N GLU B 113 13.10 0.61 34.58
CA GLU B 113 13.32 0.16 33.21
C GLU B 113 12.12 0.39 32.30
N ILE B 114 10.95 0.70 32.85
CA ILE B 114 9.76 0.88 32.02
C ILE B 114 9.61 2.35 31.66
N LEU B 115 9.01 2.60 30.50
CA LEU B 115 8.72 3.95 30.08
C LEU B 115 7.44 4.44 30.75
N SER B 116 7.52 5.57 31.43
CA SER B 116 6.40 6.08 32.21
C SER B 116 5.46 6.87 31.31
N ALA B 117 4.20 6.42 31.23
CA ALA B 117 3.20 7.19 30.50
C ALA B 117 2.89 8.51 31.19
N SER B 118 2.91 8.52 32.53
CA SER B 118 2.63 9.75 33.26
C SER B 118 3.68 10.82 32.99
N LYS B 119 4.97 10.44 33.06
CA LYS B 119 6.04 11.40 32.83
C LYS B 119 6.01 11.92 31.40
N MET B 120 5.74 11.04 30.44
CA MET B 120 5.73 11.48 29.04
C MET B 120 4.51 12.34 28.75
N LEU B 121 3.36 12.00 29.35
CA LEU B 121 2.15 12.80 29.16
C LEU B 121 2.29 14.19 29.76
N SER B 122 2.98 14.29 30.90
CA SER B 122 3.14 15.61 31.53
C SER B 122 3.98 16.54 30.65
N LYS B 123 5.06 16.03 30.08
CA LYS B 123 5.85 16.82 29.15
C LYS B 123 5.06 17.12 27.88
N PHE B 124 4.27 16.15 27.41
CA PHE B 124 3.43 16.36 26.24
C PHE B 124 2.43 17.48 26.48
N ARG B 125 1.74 17.44 27.63
CA ARG B 125 0.75 18.47 27.94
C ARG B 125 1.39 19.84 28.10
N LYS B 126 2.59 19.91 28.69
CA LYS B 126 3.21 21.20 28.97
C LYS B 126 3.67 21.88 27.70
N ILE B 127 4.17 21.12 26.73
CA ILE B 127 4.61 21.73 25.48
C ILE B 127 3.41 22.27 24.70
N ILE B 128 2.35 21.47 24.60
CA ILE B 128 1.14 21.93 23.91
C ILE B 128 0.59 23.18 24.58
N LYS B 129 0.56 23.20 25.92
CA LYS B 129 0.01 24.35 26.64
C LYS B 129 0.82 25.61 26.37
N GLU B 130 2.14 25.48 26.27
CA GLU B 130 2.97 26.67 26.01
C GLU B 130 2.87 27.12 24.56
N GLU B 131 2.68 26.20 23.62
CA GLU B 131 2.53 26.59 22.21
C GLU B 131 1.14 27.13 21.93
N ILE B 132 0.15 26.78 22.75
CA ILE B 132 -1.22 27.26 22.54
C ILE B 132 -1.36 28.69 23.03
N ASN B 133 -0.62 29.07 24.07
CA ASN B 133 -0.69 30.44 24.57
C ASN B 133 -0.25 31.48 23.56
N ASP B 134 0.36 31.07 22.45
CA ASP B 134 0.78 31.99 21.40
C ASP B 134 -0.13 31.97 20.19
N ILE B 135 -1.24 31.23 20.23
CA ILE B 135 -2.20 31.16 19.14
C ILE B 135 -3.50 31.79 19.58
N LYS B 136 -4.01 32.74 18.79
CA LYS B 136 -5.17 33.51 19.18
C LYS B 136 -6.44 32.66 19.14
N ASP B 137 -7.36 32.98 20.05
CA ASP B 137 -8.64 32.30 20.17
C ASP B 137 -8.47 30.79 20.33
N THR B 138 -7.59 30.39 21.26
CA THR B 138 -7.36 28.98 21.50
C THR B 138 -6.99 28.77 22.96
N ASP B 139 -7.47 27.66 23.53
CA ASP B 139 -7.12 27.30 24.89
C ASP B 139 -7.05 25.79 25.00
N VAL B 140 -6.36 25.31 26.04
CA VAL B 140 -6.14 23.89 26.23
C VAL B 140 -6.72 23.46 27.57
N ILE B 141 -7.22 22.22 27.60
CA ILE B 141 -7.83 21.62 28.78
C ILE B 141 -7.18 20.26 29.01
N MET B 142 -6.82 19.97 30.25
CA MET B 142 -6.33 18.65 30.61
C MET B 142 -7.51 17.68 30.66
N LYS B 143 -7.50 16.68 29.79
CA LYS B 143 -8.57 15.69 29.79
C LYS B 143 -8.41 14.75 30.97
N ARG B 144 -9.46 14.63 31.78
CA ARG B 144 -9.46 13.79 32.95
C ARG B 144 -10.41 12.62 32.76
N LYS B 145 -10.23 11.59 33.59
CA LYS B 145 -11.07 10.40 33.65
C LYS B 145 -11.03 9.58 32.36
N ARG B 146 -10.14 9.90 31.42
CA ARG B 146 -9.99 9.13 30.20
C ARG B 146 -8.72 8.28 30.20
N GLY B 147 -7.98 8.27 31.31
CA GLY B 147 -6.84 7.37 31.46
C GLY B 147 -5.57 7.80 30.75
N GLY B 148 -5.51 9.02 30.23
CA GLY B 148 -4.37 9.52 29.51
C GLY B 148 -4.58 9.69 28.03
N SER B 149 -5.60 9.02 27.45
CA SER B 149 -5.88 9.08 26.03
C SER B 149 -7.36 9.30 25.82
N PRO B 150 -7.80 10.45 25.31
CA PRO B 150 -6.95 11.59 24.90
C PRO B 150 -6.27 12.31 26.06
N ALA B 151 -5.16 12.97 25.77
CA ALA B 151 -4.41 13.66 26.81
C ALA B 151 -4.96 15.05 27.10
N VAL B 152 -5.25 15.83 26.06
CA VAL B 152 -5.73 17.20 26.21
C VAL B 152 -6.93 17.43 25.30
N THR B 153 -7.58 18.56 25.50
CA THR B 153 -8.66 19.04 24.64
C THR B 153 -8.39 20.50 24.31
N LEU B 154 -8.23 20.81 23.03
CA LEU B 154 -8.09 22.19 22.60
C LEU B 154 -9.45 22.79 22.33
N LEU B 155 -9.64 24.02 22.81
CA LEU B 155 -10.80 24.84 22.43
C LEU B 155 -10.33 25.83 21.37
N ILE B 156 -11.03 25.86 20.24
CA ILE B 156 -10.65 26.72 19.12
C ILE B 156 -11.84 27.58 18.75
N SER B 157 -11.63 28.89 18.69
CA SER B 157 -12.63 29.85 18.20
C SER B 157 -13.90 29.69 19.05
N GLU B 158 -15.09 29.68 18.44
CA GLU B 158 -16.34 29.72 19.19
C GLU B 158 -16.73 28.37 19.74
N LYS B 159 -16.77 27.33 18.89
CA LYS B 159 -17.32 26.06 19.31
C LYS B 159 -16.52 24.85 18.86
N ILE B 160 -15.31 25.03 18.35
CA ILE B 160 -14.51 23.89 17.89
C ILE B 160 -13.70 23.36 19.06
N SER B 161 -13.67 22.03 19.19
CA SER B 161 -12.80 21.40 20.15
C SER B 161 -12.20 20.15 19.51
N VAL B 162 -10.98 19.82 19.92
CA VAL B 162 -10.26 18.68 19.37
C VAL B 162 -9.54 17.96 20.50
N ASP B 163 -9.71 16.63 20.56
CA ASP B 163 -9.00 15.79 21.49
C ASP B 163 -7.71 15.31 20.85
N ILE B 164 -6.61 15.39 21.59
CA ILE B 164 -5.28 15.04 21.10
C ILE B 164 -4.77 13.84 21.87
N THR B 165 -4.41 12.79 21.14
CA THR B 165 -3.90 11.55 21.70
C THR B 165 -2.45 11.39 21.27
N LEU B 166 -1.58 11.05 22.21
CA LEU B 166 -0.20 10.68 21.90
C LEU B 166 -0.12 9.18 21.67
N ALA B 167 0.70 8.77 20.70
CA ALA B 167 0.80 7.36 20.33
C ALA B 167 2.24 7.01 19.97
N LEU B 168 2.81 6.05 20.68
CA LEU B 168 4.10 5.51 20.27
C LEU B 168 3.93 4.63 19.03
N GLU B 169 4.86 4.77 18.10
CA GLU B 169 4.90 3.94 16.89
C GLU B 169 5.98 2.88 17.03
N SER B 170 5.63 1.64 16.72
CA SER B 170 6.58 0.54 16.72
C SER B 170 6.52 -0.15 15.36
N LYS B 171 7.65 -0.20 14.68
CA LYS B 171 7.76 -0.88 13.40
C LYS B 171 8.13 -2.35 13.54
N SER B 172 8.07 -2.90 14.76
CA SER B 172 8.35 -4.31 14.95
C SER B 172 7.11 -5.15 14.67
N SER B 173 7.30 -6.46 14.70
CA SER B 173 6.20 -7.40 14.51
C SER B 173 5.09 -7.15 15.53
N TRP B 174 3.86 -7.30 15.07
CA TRP B 174 2.71 -7.13 15.94
C TRP B 174 2.77 -8.13 17.09
N PRO B 175 2.25 -7.77 18.26
CA PRO B 175 2.33 -8.67 19.42
C PRO B 175 1.53 -9.95 19.23
N ALA B 176 1.94 -10.98 19.98
CA ALA B 176 1.38 -12.31 19.81
C ALA B 176 -0.13 -12.33 20.04
N SER B 177 -0.66 -11.40 20.84
CA SER B 177 -2.10 -11.32 21.07
C SER B 177 -2.88 -10.99 19.80
N THR B 178 -2.21 -10.58 18.72
CA THR B 178 -2.87 -10.25 17.46
C THR B 178 -2.82 -11.39 16.45
N GLN B 179 -2.20 -12.53 16.79
CA GLN B 179 -1.84 -13.54 15.80
C GLN B 179 -3.05 -14.01 15.00
N GLU B 180 -4.20 -14.19 15.64
CA GLU B 180 -5.38 -14.68 14.95
C GLU B 180 -6.46 -13.62 14.82
N GLY B 181 -6.09 -12.34 14.93
CA GLY B 181 -7.00 -11.25 14.65
C GLY B 181 -6.97 -10.88 13.18
N LEU B 182 -7.73 -9.83 12.85
CA LEU B 182 -7.78 -9.28 11.50
C LEU B 182 -8.04 -10.39 10.48
N ARG B 183 -9.16 -11.07 10.67
CA ARG B 183 -9.51 -12.25 9.86
C ARG B 183 -10.22 -11.77 8.59
N ILE B 184 -9.44 -11.20 7.68
CA ILE B 184 -9.94 -10.61 6.45
C ILE B 184 -9.56 -11.44 5.23
N GLN B 185 -9.04 -12.65 5.42
CA GLN B 185 -8.52 -13.42 4.30
C GLN B 185 -9.58 -13.69 3.26
N ASN B 186 -10.78 -14.10 3.68
CA ASN B 186 -11.85 -14.39 2.72
C ASN B 186 -12.51 -13.14 2.16
N TRP B 187 -12.27 -11.99 2.76
CA TRP B 187 -12.90 -10.73 2.36
C TRP B 187 -11.94 -9.86 1.55
N LEU B 188 -10.82 -9.47 2.15
CA LEU B 188 -9.88 -8.57 1.50
C LEU B 188 -8.62 -9.27 1.01
N SER B 189 -8.51 -10.59 1.23
CA SER B 189 -7.40 -11.46 0.81
C SER B 189 -6.32 -11.60 1.86
N ALA B 190 -5.67 -12.78 1.90
CA ALA B 190 -4.53 -13.00 2.76
C ALA B 190 -3.32 -12.17 2.35
N LYS B 191 -3.21 -11.82 1.06
CA LYS B 191 -2.15 -10.93 0.63
C LYS B 191 -2.26 -9.57 1.30
N VAL B 192 -3.49 -9.03 1.37
CA VAL B 192 -3.69 -7.74 2.03
C VAL B 192 -3.47 -7.86 3.54
N ARG B 193 -3.94 -8.97 4.13
CA ARG B 193 -3.71 -9.20 5.56
C ARG B 193 -2.22 -9.15 5.90
N LYS B 194 -1.40 -9.80 5.07
CA LYS B 194 0.03 -9.80 5.34
C LYS B 194 0.63 -8.42 5.14
N GLN B 195 0.15 -7.67 4.14
CA GLN B 195 0.62 -6.31 3.93
C GLN B 195 0.25 -5.40 5.11
N LEU B 196 -0.98 -5.51 5.60
CA LEU B 196 -1.40 -4.71 6.75
C LEU B 196 -0.51 -4.99 7.96
N ARG B 197 -0.17 -6.25 8.18
CA ARG B 197 0.58 -6.65 9.37
C ARG B 197 2.05 -6.28 9.29
N LEU B 198 2.56 -5.85 8.13
CA LEU B 198 3.91 -5.34 8.04
C LEU B 198 3.98 -3.85 8.37
N LYS B 199 2.83 -3.19 8.47
CA LYS B 199 2.77 -1.81 8.91
C LYS B 199 3.06 -1.74 10.40
N PRO B 200 3.37 -0.56 10.92
CA PRO B 200 3.62 -0.42 12.36
C PRO B 200 2.33 -0.61 13.16
N PHE B 201 2.52 -0.83 14.47
CA PHE B 201 1.41 -0.76 15.40
C PHE B 201 1.69 0.37 16.39
N TYR B 202 0.64 0.82 17.05
CA TYR B 202 0.71 1.99 17.91
C TYR B 202 0.29 1.62 19.32
N LEU B 203 0.81 2.40 20.27
CA LEU B 203 0.49 2.26 21.68
C LEU B 203 0.11 3.63 22.23
N VAL B 204 -1.05 3.69 22.89
CA VAL B 204 -1.50 4.94 23.50
C VAL B 204 -1.45 4.77 25.02
N PRO B 205 -1.11 5.82 25.76
CA PRO B 205 -1.13 5.71 27.22
C PRO B 205 -2.55 5.52 27.73
N LYS B 206 -2.76 4.47 28.52
CA LYS B 206 -4.10 4.17 29.02
C LYS B 206 -3.97 3.32 30.26
N HIS B 207 -4.44 3.84 31.40
CA HIS B 207 -4.34 3.11 32.64
C HIS B 207 -5.28 1.90 32.61
N ALA B 208 -4.92 0.87 33.37
CA ALA B 208 -5.68 -0.37 33.41
C ALA B 208 -6.34 -0.53 34.78
N LYS B 209 -7.57 -1.03 34.77
CA LYS B 209 -8.30 -1.23 36.02
C LYS B 209 -7.66 -2.34 36.84
N GLU B 210 -7.45 -2.07 38.13
CA GLU B 210 -6.87 -3.06 39.03
C GLU B 210 -7.64 -3.11 40.35
N GLY B 213 -9.30 3.00 36.22
CA GLY B 213 -7.94 2.53 35.99
C GLY B 213 -7.05 2.77 37.18
N PHE B 214 -6.52 1.68 37.75
CA PHE B 214 -5.71 1.74 38.95
C PHE B 214 -4.21 1.57 38.68
N GLN B 215 -3.85 0.82 37.64
CA GLN B 215 -2.46 0.69 37.21
C GLN B 215 -2.19 1.73 36.12
N GLU B 216 -1.23 2.62 36.38
CA GLU B 216 -1.15 3.88 35.65
C GLU B 216 0.00 3.98 34.65
N GLU B 217 0.80 2.93 34.44
CA GLU B 217 1.94 3.02 33.54
C GLU B 217 1.82 2.07 32.36
N THR B 218 0.61 1.64 32.03
CA THR B 218 0.38 0.74 30.92
C THR B 218 0.07 1.51 29.64
N TRP B 219 0.27 0.83 28.52
CA TRP B 219 -0.05 1.34 27.20
C TRP B 219 -0.96 0.34 26.50
N ARG B 220 -1.88 0.86 25.69
CA ARG B 220 -2.87 0.03 25.02
C ARG B 220 -2.64 0.00 23.52
N LEU B 221 -2.73 -1.20 22.93
CA LEU B 221 -2.57 -1.38 21.50
C LEU B 221 -3.64 -0.61 20.74
N SER B 222 -3.24 0.02 19.64
CA SER B 222 -4.15 0.79 18.80
C SER B 222 -3.84 0.51 17.34
N PHE B 223 -4.88 0.23 16.56
CA PHE B 223 -4.75 -0.07 15.14
C PHE B 223 -5.65 0.82 14.30
N SER B 224 -5.81 2.08 14.72
CA SER B 224 -6.71 3.01 14.03
C SER B 224 -6.28 3.23 12.58
N HIS B 225 -4.99 3.17 12.29
CA HIS B 225 -4.55 3.31 10.90
C HIS B 225 -5.02 2.14 10.06
N ILE B 226 -5.06 0.93 10.65
CA ILE B 226 -5.55 -0.22 9.90
C ILE B 226 -7.05 -0.13 9.69
N GLU B 227 -7.79 0.36 10.69
CA GLU B 227 -9.23 0.52 10.54
C GLU B 227 -9.56 1.50 9.41
N LYS B 228 -8.76 2.55 9.25
CA LYS B 228 -9.00 3.51 8.18
C LYS B 228 -8.77 2.88 6.81
N GLU B 229 -7.65 2.16 6.63
CA GLU B 229 -7.37 1.54 5.35
C GLU B 229 -8.50 0.62 4.92
N ILE B 230 -8.99 -0.21 5.84
CA ILE B 230 -10.07 -1.14 5.51
C ILE B 230 -11.33 -0.38 5.13
N LEU B 231 -11.68 0.67 5.89
CA LEU B 231 -12.93 1.37 5.64
C LEU B 231 -12.89 2.14 4.32
N ASN B 232 -11.73 2.67 3.94
CA ASN B 232 -11.59 3.41 2.69
C ASN B 232 -11.23 2.52 1.52
N ASN B 233 -11.05 1.21 1.74
CA ASN B 233 -10.78 0.23 0.69
C ASN B 233 -11.48 -1.07 1.09
N HIS B 234 -12.81 -1.06 1.02
CA HIS B 234 -13.64 -2.00 1.76
C HIS B 234 -14.17 -3.17 0.92
N GLY B 235 -13.99 -3.17 -0.39
CA GLY B 235 -14.58 -4.21 -1.19
C GLY B 235 -13.66 -5.40 -1.43
N LYS B 236 -14.27 -6.55 -1.73
CA LYS B 236 -13.51 -7.63 -2.35
C LYS B 236 -13.01 -7.19 -3.72
N SER B 237 -13.86 -6.53 -4.49
CA SER B 237 -13.45 -5.95 -5.76
C SER B 237 -12.71 -4.64 -5.52
N LYS B 238 -11.60 -4.44 -6.23
CA LYS B 238 -10.88 -3.19 -6.11
C LYS B 238 -11.71 -2.01 -6.61
N THR B 239 -12.64 -2.25 -7.55
CA THR B 239 -13.49 -1.19 -8.08
C THR B 239 -14.85 -1.10 -7.36
N CYS B 240 -14.96 -1.65 -6.15
CA CYS B 240 -16.19 -1.50 -5.38
C CYS B 240 -16.49 -0.03 -5.15
N CYS B 241 -17.74 0.36 -5.39
CA CYS B 241 -18.26 1.73 -5.24
C CYS B 241 -17.61 2.73 -6.20
N GLU B 242 -16.90 2.27 -7.23
CA GLU B 242 -16.31 3.19 -8.19
C GLU B 242 -17.14 3.34 -9.46
N ASN B 243 -18.22 2.58 -9.60
CA ASN B 243 -19.13 2.70 -10.73
C ASN B 243 -20.50 2.23 -10.28
N LYS B 244 -21.50 2.44 -11.15
CA LYS B 244 -22.88 2.14 -10.77
C LYS B 244 -23.10 0.65 -10.55
N GLU B 245 -22.44 -0.19 -11.35
CA GLU B 245 -22.65 -1.63 -11.20
C GLU B 245 -22.12 -2.16 -9.87
N GLU B 246 -21.16 -1.47 -9.25
CA GLU B 246 -20.49 -1.97 -8.05
C GLU B 246 -20.71 -1.08 -6.82
N LYS B 247 -21.78 -0.28 -6.79
CA LYS B 247 -22.10 0.48 -5.59
C LYS B 247 -22.60 -0.47 -4.50
N CYS B 248 -21.98 -0.43 -3.33
CA CYS B 248 -22.40 -1.21 -2.19
C CYS B 248 -22.83 -0.29 -1.04
N CYS B 249 -23.40 -0.88 0.00
CA CYS B 249 -23.95 -0.11 1.10
C CYS B 249 -23.21 -0.36 2.42
N ARG B 250 -21.93 -0.75 2.34
CA ARG B 250 -21.17 -1.04 3.55
C ARG B 250 -20.98 0.19 4.43
N LYS B 251 -20.52 1.30 3.84
CA LYS B 251 -20.25 2.49 4.64
C LYS B 251 -21.55 3.13 5.13
N ASP B 252 -22.60 3.10 4.31
CA ASP B 252 -23.88 3.63 4.75
C ASP B 252 -24.43 2.85 5.94
N CYS B 253 -24.22 1.53 5.97
CA CYS B 253 -24.62 0.72 7.11
C CYS B 253 -23.85 1.12 8.37
N LEU B 254 -22.53 1.29 8.25
CA LEU B 254 -21.75 1.74 9.40
C LEU B 254 -22.24 3.09 9.89
N LYS B 255 -22.45 4.04 8.99
CA LYS B 255 -22.93 5.36 9.37
C LYS B 255 -24.26 5.26 10.11
N LEU B 256 -25.17 4.40 9.63
CA LEU B 256 -26.48 4.28 10.26
C LEU B 256 -26.37 3.65 11.66
N MET B 257 -25.53 2.62 11.80
CA MET B 257 -25.30 2.02 13.10
C MET B 257 -24.74 3.05 14.08
N LYS B 258 -23.74 3.80 13.65
CA LYS B 258 -23.16 4.83 14.50
C LYS B 258 -24.18 5.89 14.86
N TYR B 259 -25.01 6.31 13.90
CA TYR B 259 -26.01 7.34 14.16
C TYR B 259 -27.09 6.85 15.11
N LEU B 260 -27.53 5.60 14.97
CA LEU B 260 -28.58 5.10 15.82
C LEU B 260 -28.10 5.01 17.28
N LEU B 261 -26.89 4.51 17.49
CA LEU B 261 -26.40 4.45 18.88
C LEU B 261 -26.23 5.84 19.46
N GLU B 262 -25.63 6.76 18.72
CA GLU B 262 -25.46 8.12 19.22
C GLU B 262 -26.80 8.77 19.55
N GLN B 263 -27.81 8.55 18.70
CA GLN B 263 -29.12 9.13 18.97
C GLN B 263 -29.74 8.53 20.21
N LEU B 264 -29.55 7.23 20.43
CA LEU B 264 -30.08 6.59 21.63
C LEU B 264 -29.36 7.11 22.88
N LYS B 265 -28.05 7.31 22.79
CA LYS B 265 -27.31 7.83 23.94
C LYS B 265 -27.80 9.23 24.32
N GLU B 266 -28.02 10.09 23.32
CA GLU B 266 -28.48 11.44 23.61
C GLU B 266 -29.92 11.45 24.12
N ARG B 267 -30.78 10.59 23.58
CA ARG B 267 -32.16 10.55 24.03
C ARG B 267 -32.27 10.16 25.50
N PHE B 268 -31.38 9.27 25.97
CA PHE B 268 -31.47 8.73 27.32
C PHE B 268 -30.32 9.19 28.22
N LYS B 269 -29.78 10.38 27.96
CA LYS B 269 -28.64 10.85 28.76
C LYS B 269 -29.03 11.27 30.17
N ASP B 270 -30.32 11.47 30.47
CA ASP B 270 -30.72 11.79 31.84
C ASP B 270 -30.36 10.66 32.81
N LYS B 271 -30.27 9.44 32.31
CA LYS B 271 -29.80 8.30 33.09
C LYS B 271 -28.48 7.80 32.52
N LYS B 272 -27.82 6.93 33.28
CA LYS B 272 -26.50 6.43 32.91
C LYS B 272 -26.55 5.06 32.24
N HIS B 273 -27.71 4.66 31.72
CA HIS B 273 -27.86 3.30 31.19
C HIS B 273 -26.90 3.03 30.04
N LEU B 274 -26.65 4.04 29.20
CA LEU B 274 -25.91 3.85 27.96
C LEU B 274 -24.55 4.53 27.94
N ASP B 275 -24.07 5.00 29.09
CA ASP B 275 -22.85 5.82 29.11
C ASP B 275 -21.63 5.06 28.63
N LYS B 276 -21.55 3.76 28.90
CA LYS B 276 -20.35 2.98 28.58
C LYS B 276 -20.28 2.55 27.12
N PHE B 277 -21.37 2.64 26.36
CA PHE B 277 -21.30 2.24 24.97
C PHE B 277 -20.59 3.31 24.16
N SER B 278 -19.94 2.87 23.09
CA SER B 278 -19.09 3.75 22.28
C SER B 278 -19.26 3.38 20.82
N SER B 279 -18.92 4.34 19.95
CA SER B 279 -18.94 4.07 18.51
C SER B 279 -17.93 2.98 18.14
N TYR B 280 -16.89 2.79 18.94
CA TYR B 280 -15.94 1.72 18.67
C TYR B 280 -16.59 0.34 18.80
N HIS B 281 -17.61 0.21 19.64
CA HIS B 281 -18.34 -1.06 19.73
C HIS B 281 -19.13 -1.32 18.45
N VAL B 282 -19.76 -0.28 17.91
CA VAL B 282 -20.50 -0.41 16.66
C VAL B 282 -19.55 -0.71 15.51
N LYS B 283 -18.41 0.00 15.46
CA LYS B 283 -17.45 -0.21 14.38
C LYS B 283 -16.85 -1.61 14.43
N THR B 284 -16.53 -2.10 15.63
CA THR B 284 -15.99 -3.44 15.77
C THR B 284 -16.99 -4.49 15.30
N ALA B 285 -18.24 -4.37 15.75
CA ALA B 285 -19.27 -5.29 15.28
C ALA B 285 -19.44 -5.23 13.77
N PHE B 286 -19.28 -4.03 13.19
CA PHE B 286 -19.40 -3.90 11.74
C PHE B 286 -18.28 -4.64 11.02
N PHE B 287 -17.05 -4.55 11.52
CA PHE B 287 -15.96 -5.31 10.91
C PHE B 287 -16.24 -6.81 10.96
N HIS B 288 -16.78 -7.30 12.08
CA HIS B 288 -17.16 -8.71 12.15
C HIS B 288 -18.24 -9.05 11.13
N VAL B 289 -19.21 -8.15 10.93
CA VAL B 289 -20.24 -8.36 9.92
C VAL B 289 -19.62 -8.48 8.53
N CYS B 290 -18.60 -7.65 8.25
CA CYS B 290 -17.94 -7.71 6.95
C CYS B 290 -17.19 -9.03 6.76
N THR B 291 -16.57 -9.55 7.84
CA THR B 291 -15.91 -10.84 7.76
C THR B 291 -16.91 -11.97 7.50
N GLN B 292 -18.06 -11.93 8.16
CA GLN B 292 -19.07 -12.96 7.97
C GLN B 292 -19.72 -12.89 6.59
N ASN B 293 -19.71 -11.73 5.95
CA ASN B 293 -20.31 -11.53 4.63
C ASN B 293 -19.26 -10.91 3.71
N PRO B 294 -18.36 -11.73 3.17
CA PRO B 294 -17.23 -11.17 2.42
C PRO B 294 -17.54 -10.70 1.01
N GLN B 295 -18.62 -11.18 0.39
CA GLN B 295 -18.88 -10.89 -1.03
C GLN B 295 -19.54 -9.52 -1.21
N ASP B 296 -19.12 -8.79 -2.24
CA ASP B 296 -19.73 -7.49 -2.53
C ASP B 296 -21.20 -7.63 -2.88
N SER B 297 -21.58 -8.76 -3.51
CA SER B 297 -22.96 -9.00 -3.89
C SER B 297 -23.91 -9.05 -2.69
N GLN B 298 -23.40 -9.33 -1.49
CA GLN B 298 -24.22 -9.35 -0.29
C GLN B 298 -24.47 -7.95 0.28
N TRP B 299 -23.96 -6.90 -0.38
CA TRP B 299 -24.07 -5.54 0.10
C TRP B 299 -24.67 -4.62 -0.95
N ASP B 300 -25.55 -5.16 -1.79
CA ASP B 300 -26.14 -4.38 -2.87
C ASP B 300 -26.93 -3.20 -2.32
N ARG B 301 -26.79 -2.05 -2.99
CA ARG B 301 -27.43 -0.81 -2.52
C ARG B 301 -28.94 -0.92 -2.54
N LYS B 302 -29.51 -1.70 -3.46
CA LYS B 302 -30.95 -1.92 -3.46
C LYS B 302 -31.44 -2.67 -2.24
N ASP B 303 -30.55 -3.32 -1.48
CA ASP B 303 -30.91 -4.07 -0.29
C ASP B 303 -30.47 -3.35 0.98
N LEU B 304 -30.39 -2.01 0.94
CA LEU B 304 -29.91 -1.25 2.09
C LEU B 304 -30.77 -1.53 3.32
N GLY B 305 -32.09 -1.58 3.15
CA GLY B 305 -32.96 -1.88 4.28
C GLY B 305 -32.65 -3.24 4.90
N LEU B 306 -32.46 -4.25 4.04
CA LEU B 306 -32.13 -5.59 4.54
C LEU B 306 -30.73 -5.63 5.15
N CYS B 307 -29.76 -4.96 4.52
CA CYS B 307 -28.39 -4.98 5.04
C CYS B 307 -28.32 -4.32 6.41
N PHE B 308 -28.93 -3.13 6.55
CA PHE B 308 -28.93 -2.47 7.85
C PHE B 308 -29.64 -3.31 8.90
N ASP B 309 -30.76 -3.94 8.52
CA ASP B 309 -31.46 -4.82 9.46
C ASP B 309 -30.57 -5.95 9.93
N ASN B 310 -29.78 -6.54 9.02
CA ASN B 310 -28.90 -7.62 9.42
C ASN B 310 -27.75 -7.11 10.29
N CYS B 311 -27.27 -5.89 10.04
CA CYS B 311 -26.24 -5.30 10.88
C CYS B 311 -26.76 -5.05 12.30
N VAL B 312 -27.96 -4.47 12.41
CA VAL B 312 -28.57 -4.28 13.72
C VAL B 312 -28.77 -5.62 14.41
N THR B 313 -29.24 -6.63 13.67
CA THR B 313 -29.46 -7.95 14.25
C THR B 313 -28.16 -8.53 14.81
N TYR B 314 -27.07 -8.42 14.06
CA TYR B 314 -25.80 -8.95 14.55
C TYR B 314 -25.36 -8.24 15.82
N PHE B 315 -25.53 -6.92 15.88
CA PHE B 315 -25.13 -6.18 17.07
C PHE B 315 -25.99 -6.58 18.27
N LEU B 316 -27.29 -6.79 18.06
CA LEU B 316 -28.15 -7.29 19.12
C LEU B 316 -27.69 -8.64 19.63
N GLN B 317 -27.24 -9.51 18.72
CA GLN B 317 -26.77 -10.82 19.13
C GLN B 317 -25.52 -10.71 20.00
N CYS B 318 -24.60 -9.81 19.65
CA CYS B 318 -23.44 -9.55 20.50
C CYS B 318 -23.89 -9.08 21.89
N LEU B 319 -24.89 -8.20 21.95
CA LEU B 319 -25.39 -7.71 23.23
C LEU B 319 -25.99 -8.84 24.05
N ARG B 320 -26.83 -9.68 23.43
CA ARG B 320 -27.51 -10.73 24.17
C ARG B 320 -26.53 -11.78 24.69
N THR B 321 -25.55 -12.15 23.86
CA THR B 321 -24.53 -13.12 24.25
C THR B 321 -23.38 -12.49 25.02
N GLU B 322 -23.32 -11.15 25.09
CA GLU B 322 -22.24 -10.44 25.78
C GLU B 322 -20.88 -10.84 25.22
N LYS B 323 -20.79 -10.88 23.90
CA LYS B 323 -19.57 -11.30 23.21
C LYS B 323 -19.31 -10.31 22.09
N LEU B 324 -18.17 -9.61 22.16
CA LEU B 324 -17.74 -8.72 21.08
C LEU B 324 -16.23 -8.61 21.17
N GLU B 325 -15.54 -9.52 20.47
CA GLU B 325 -14.09 -9.54 20.48
C GLU B 325 -13.52 -8.32 19.76
N ASN B 326 -12.46 -7.76 20.32
CA ASN B 326 -11.65 -6.78 19.62
C ASN B 326 -11.21 -7.37 18.27
N TYR B 327 -11.41 -6.61 17.19
CA TYR B 327 -11.20 -7.14 15.85
C TYR B 327 -9.75 -7.56 15.61
N PHE B 328 -8.82 -6.93 16.33
CA PHE B 328 -7.40 -7.23 16.19
C PHE B 328 -6.88 -8.15 17.29
N ILE B 329 -7.53 -8.15 18.45
CA ILE B 329 -7.13 -8.96 19.60
C ILE B 329 -8.31 -9.84 19.99
N PRO B 330 -8.45 -11.02 19.40
CA PRO B 330 -9.70 -11.78 19.56
C PRO B 330 -9.98 -12.25 20.98
N GLU B 331 -8.98 -12.33 21.86
CA GLU B 331 -9.22 -12.75 23.24
C GLU B 331 -9.69 -11.61 24.14
N PHE B 332 -9.74 -10.38 23.63
CA PHE B 332 -10.20 -9.23 24.41
C PHE B 332 -11.67 -8.99 24.10
N ASN B 333 -12.54 -9.23 25.09
CA ASN B 333 -13.99 -9.12 24.91
C ASN B 333 -14.43 -7.71 25.35
N LEU B 334 -14.82 -6.89 24.37
CA LEU B 334 -15.30 -5.55 24.68
C LEU B 334 -16.60 -5.55 25.47
N PHE B 335 -17.39 -6.63 25.35
CA PHE B 335 -18.67 -6.74 26.05
C PHE B 335 -18.58 -7.61 27.29
N SER B 336 -17.38 -7.77 27.85
CA SER B 336 -17.21 -8.49 29.10
C SER B 336 -18.01 -7.82 30.22
N SER B 337 -18.44 -8.62 31.18
CA SER B 337 -19.14 -8.07 32.34
C SER B 337 -18.24 -7.20 33.20
N ASN B 338 -16.93 -7.32 33.04
CA ASN B 338 -16.02 -6.40 33.73
C ASN B 338 -16.03 -5.01 33.11
N LEU B 339 -16.55 -4.86 31.90
CA LEU B 339 -16.53 -3.58 31.20
C LEU B 339 -17.90 -2.96 31.03
N ILE B 340 -18.94 -3.76 30.75
CA ILE B 340 -20.28 -3.24 30.54
C ILE B 340 -21.26 -4.08 31.35
N ASP B 341 -22.00 -3.44 32.23
CA ASP B 341 -22.98 -4.11 33.08
C ASP B 341 -24.08 -4.74 32.23
N LYS B 342 -24.54 -5.91 32.68
CA LYS B 342 -25.64 -6.61 32.02
C LYS B 342 -26.87 -5.71 31.90
N ARG B 343 -27.11 -4.85 32.89
CA ARG B 343 -28.24 -3.94 32.83
C ARG B 343 -28.13 -3.01 31.64
N SER B 344 -26.92 -2.54 31.33
CA SER B 344 -26.71 -1.67 30.17
C SER B 344 -27.02 -2.40 28.87
N LYS B 345 -26.53 -3.64 28.75
CA LYS B 345 -26.81 -4.42 27.56
C LYS B 345 -28.31 -4.69 27.40
N GLU B 346 -28.98 -4.99 28.50
CA GLU B 346 -30.42 -5.27 28.43
C GLU B 346 -31.20 -4.04 28.03
N PHE B 347 -30.82 -2.86 28.56
CA PHE B 347 -31.54 -1.65 28.21
C PHE B 347 -31.33 -1.28 26.75
N LEU B 348 -30.09 -1.39 26.27
CA LEU B 348 -29.83 -1.10 24.87
C LEU B 348 -30.53 -2.11 23.95
N THR B 349 -30.54 -3.38 24.33
CA THR B 349 -31.28 -4.39 23.56
C THR B 349 -32.75 -3.99 23.43
N LYS B 350 -33.38 -3.68 24.56
CA LYS B 350 -34.81 -3.34 24.52
C LYS B 350 -35.05 -2.09 23.70
N GLN B 351 -34.16 -1.10 23.79
CA GLN B 351 -34.37 0.12 23.03
C GLN B 351 -34.22 -0.11 21.53
N ILE B 352 -33.15 -0.82 21.13
CA ILE B 352 -32.96 -1.08 19.70
C ILE B 352 -34.09 -1.94 19.15
N GLU B 353 -34.55 -2.93 19.93
CA GLU B 353 -35.63 -3.79 19.46
C GLU B 353 -36.91 -2.99 19.23
N TYR B 354 -37.23 -2.08 20.14
CA TYR B 354 -38.40 -1.23 19.96
C TYR B 354 -38.24 -0.34 18.73
N GLU B 355 -37.05 0.23 18.54
CA GLU B 355 -36.81 1.08 17.37
C GLU B 355 -37.02 0.29 16.09
N ARG B 356 -36.39 -0.89 15.98
CA ARG B 356 -36.51 -1.68 14.76
C ARG B 356 -37.95 -2.10 14.50
N ASN B 357 -38.72 -2.38 15.56
CA ASN B 357 -40.09 -2.88 15.41
C ASN B 357 -41.03 -1.80 14.88
N ASN B 358 -40.74 -0.52 15.11
CA ASN B 358 -41.63 0.55 14.69
C ASN B 358 -40.96 1.48 13.69
N GLU B 359 -40.03 0.94 12.89
CA GLU B 359 -39.43 1.66 11.77
C GLU B 359 -38.66 2.89 12.24
N PHE B 360 -37.94 2.74 13.34
CA PHE B 360 -36.99 3.72 13.87
C PHE B 360 -37.59 5.11 14.07
N PRO B 361 -38.56 5.27 14.97
CA PRO B 361 -39.05 6.62 15.28
C PRO B 361 -38.01 7.52 15.93
N VAL B 362 -36.93 6.96 16.47
CA VAL B 362 -35.84 7.77 17.00
C VAL B 362 -35.28 8.71 15.94
N PHE B 363 -35.42 8.35 14.67
CA PHE B 363 -34.96 9.20 13.56
C PHE B 363 -35.94 10.31 13.22
N ASP B 364 -37.06 10.43 13.94
CA ASP B 364 -38.03 11.50 13.66
C ASP B 364 -37.99 12.57 14.74
C4 ER6 C . 11.54 2.43 -20.74
C14 ER6 C . 15.07 -2.92 -18.60
C5 ER6 C . 12.03 1.34 -21.46
C6 ER6 C . 12.23 1.45 -22.85
C11 ER6 C . 12.96 0.11 -24.88
C7 ER6 C . 12.92 -0.86 -21.41
C8 ER6 C . 13.07 -0.82 -22.83
C9 ER6 C . 13.52 -1.75 -23.81
C10 ER6 C . 13.44 -1.15 -25.05
C12 ER6 C . 14.45 -2.81 -21.02
C13 ER6 C . 15.57 -2.69 -20.03
N1 ER6 C . 12.31 0.16 -20.76
N2 ER6 C . 12.73 0.33 -23.53
C3 ER6 C . 11.25 3.60 -21.39
N3 ER6 C . 13.37 -1.89 -20.68
C1 ER6 C . 11.94 2.64 -23.50
C15 ER6 C . 13.86 -2.03 -18.27
C16 ER6 C . 12.79 -2.18 -19.35
C17 ER6 C . 14.21 -0.56 -18.09
C2 ER6 C . 11.45 3.71 -22.78
O1 ER6 C . 15.38 -0.23 -18.15
O2 ER6 C . 13.32 0.22 -17.87
ZN ZN D . -5.23 -14.22 -10.79
C4 ER6 E . -8.73 -1.18 22.19
C14 ER6 E . -10.44 5.25 21.06
C5 ER6 E . -9.90 -0.47 22.52
C6 ER6 E . -10.71 -0.94 23.58
C11 ER6 E . -12.90 -0.47 24.78
C7 ER6 E . -11.28 1.42 22.18
C8 ER6 E . -12.18 0.95 23.19
C9 ER6 E . -13.42 1.41 23.69
C10 ER6 E . -13.82 0.52 24.68
C12 ER6 E . -12.15 3.77 22.11
C13 ER6 E . -11.19 4.93 22.34
N1 ER6 E . -10.23 0.66 21.78
N2 ER6 E . -11.88 -0.22 23.87
C3 ER6 E . -8.38 -2.29 22.90
N3 ER6 E . -11.42 2.62 21.59
C1 ER6 E . -10.35 -2.07 24.28
C15 ER6 E . -9.76 4.01 20.47
C16 ER6 E . -10.79 2.90 20.29
C17 ER6 E . -8.59 3.51 21.32
C2 ER6 E . -9.19 -2.75 23.95
O1 ER6 E . -8.12 2.42 21.06
O2 ER6 E . -8.17 4.22 22.21
ZN ZN F . -18.35 -0.43 -1.84
#